data_2FSV
#
_entry.id   2FSV
#
_cell.length_a   72.912
_cell.length_b   73.871
_cell.length_c   205.172
_cell.angle_alpha   90.00
_cell.angle_beta   90.00
_cell.angle_gamma   90.00
#
_symmetry.space_group_name_H-M   'P 21 21 21'
#
loop_
_entity.id
_entity.type
_entity.pdbx_description
1 polymer 'NAD(P) transhydrogenase subunit alpha part 1'
2 polymer 'NAD(P) transhydrogenase subunit beta'
3 non-polymer NICOTINAMIDE-ADENINE-DINUCLEOTIDE
4 non-polymer GLYCEROL
5 non-polymer 'NADP NICOTINAMIDE-ADENINE-DINUCLEOTIDE PHOSPHATE'
6 water water
#
loop_
_entity_poly.entity_id
_entity_poly.type
_entity_poly.pdbx_seq_one_letter_code
_entity_poly.pdbx_strand_id
1 'polypeptide(L)'
;MKIAIPKERRPGEDRVAISPEVVKKLVGLGFEVIVEQGAGVGASITDDALTAAGATIASTAAQALSQADVVWKVQRPMTA
EEGTDEVALIKEGAVLMCHLGALTNRPVVEALTKRKITAYAMELMPRISRAQSMNILSSQSNLAGYRAVIDGAYEFARAF
PMMMTAAGTVPPARVLVFGVGVAGLQAIATAKRLGAVVMATDVRAATKEQVESLGGKFITVDDEAMKTAETAGGYAKEMG
EEFRKKQAEAVLKELVKTDIAITTALIPGKPAPVLITEEMVTKMKPGSVIIDLAVEAGGNCPLSEPGKIVVKHGVKIVGH
TNVPSRVAADASPLFAKNLLNFLTPHVDKDTKTLVMKLEDETVSGTCVTRDGAIVHPALTGQGA
;
A,B
2 'polypeptide(L)'
;MNRSIFNVILGGFGSEGGVAAAGGAAGDRSVKAGSAEDAAFIMKNASKVIIVPGYGMAVAQAQHALREMADVLKKEGVEV
SYAIHPVAGRMPGHMNVLLAEANVPYDEVFELEEINSSFQTADVAFVIGANDVTNPAAKTDPSSPIYGMPILDVWKAGTV
LFIKRSMASGYAGVENELFFRNNTMMLFGDAKKMTEQIVQAMN
;
C
#
loop_
_chem_comp.id
_chem_comp.type
_chem_comp.name
_chem_comp.formula
GOL non-polymer GLYCEROL 'C3 H8 O3'
NAD non-polymer NICOTINAMIDE-ADENINE-DINUCLEOTIDE 'C21 H27 N7 O14 P2'
NAP non-polymer 'NADP NICOTINAMIDE-ADENINE-DINUCLEOTIDE PHOSPHATE' 'C21 H28 N7 O17 P3'
#
# COMPACT_ATOMS: atom_id res chain seq x y z
N MET A 1 -9.67 -34.29 -31.86
CA MET A 1 -9.56 -34.53 -30.39
C MET A 1 -10.27 -33.45 -29.59
N LYS A 2 -10.76 -33.82 -28.41
CA LYS A 2 -11.49 -32.91 -27.53
C LYS A 2 -10.72 -32.65 -26.24
N ILE A 3 -10.62 -31.36 -25.89
CA ILE A 3 -10.04 -30.95 -24.62
C ILE A 3 -11.11 -30.24 -23.80
N ALA A 4 -11.25 -30.64 -22.53
CA ALA A 4 -12.25 -30.06 -21.64
C ALA A 4 -11.64 -29.46 -20.38
N ILE A 5 -12.23 -28.36 -19.89
CA ILE A 5 -11.83 -27.71 -18.65
C ILE A 5 -13.06 -27.42 -17.79
N PRO A 6 -13.23 -28.16 -16.67
CA PRO A 6 -14.37 -27.92 -15.80
C PRO A 6 -14.11 -26.81 -14.78
N LYS A 7 -15.16 -26.40 -14.08
CA LYS A 7 -15.04 -25.49 -12.95
C LYS A 7 -14.38 -26.21 -11.79
N GLU A 8 -13.51 -25.50 -11.07
CA GLU A 8 -12.90 -26.02 -9.85
C GLU A 8 -13.95 -26.03 -8.74
N ARG A 9 -14.16 -27.21 -8.16
CA ARG A 9 -15.23 -27.42 -7.20
C ARG A 9 -14.76 -27.46 -5.74
N ARG A 10 -13.44 -27.57 -5.52
CA ARG A 10 -12.90 -27.61 -4.17
C ARG A 10 -13.08 -26.26 -3.47
N PRO A 11 -13.44 -26.26 -2.17
CA PRO A 11 -13.71 -25.02 -1.42
C PRO A 11 -12.61 -23.97 -1.54
N GLY A 12 -13.01 -22.74 -1.88
CA GLY A 12 -12.08 -21.62 -2.00
C GLY A 12 -11.27 -21.54 -3.29
N GLU A 13 -11.38 -22.54 -4.16
CA GLU A 13 -10.58 -22.56 -5.39
C GLU A 13 -11.26 -21.75 -6.48
N ASP A 14 -10.68 -20.58 -6.78
CA ASP A 14 -11.25 -19.62 -7.75
C ASP A 14 -10.52 -19.60 -9.09
N ARG A 15 -9.44 -20.38 -9.22
CA ARG A 15 -8.72 -20.45 -10.48
C ARG A 15 -9.42 -21.35 -11.48
N VAL A 16 -8.92 -21.35 -12.71
CA VAL A 16 -9.42 -22.18 -13.79
C VAL A 16 -8.24 -22.48 -14.72
N ALA A 17 -8.24 -23.66 -15.34
CA ALA A 17 -7.10 -24.10 -16.14
C ALA A 17 -7.28 -23.75 -17.62
N ILE A 18 -7.67 -22.50 -17.89
CA ILE A 18 -7.89 -22.02 -19.25
C ILE A 18 -7.87 -20.48 -19.30
N SER A 19 -7.62 -19.95 -20.50
CA SER A 19 -7.78 -18.54 -20.80
C SER A 19 -8.16 -18.41 -22.28
N PRO A 20 -8.82 -17.29 -22.67
CA PRO A 20 -9.13 -17.02 -24.08
C PRO A 20 -7.93 -17.19 -25.03
N GLU A 21 -6.78 -16.64 -24.64
CA GLU A 21 -5.55 -16.77 -25.41
C GLU A 21 -5.19 -18.23 -25.67
N VAL A 22 -5.27 -19.06 -24.63
CA VAL A 22 -4.88 -20.47 -24.73
C VAL A 22 -5.90 -21.30 -25.53
N VAL A 23 -7.19 -20.94 -25.42
CA VAL A 23 -8.23 -21.58 -26.24
C VAL A 23 -7.86 -21.51 -27.72
N LYS A 24 -7.54 -20.30 -28.19
CA LYS A 24 -7.15 -20.06 -29.59
C LYS A 24 -5.98 -20.93 -30.03
N LYS A 25 -4.99 -21.03 -29.15
CA LYS A 25 -3.81 -21.87 -29.39
C LYS A 25 -4.18 -23.34 -29.51
N LEU A 26 -5.11 -23.80 -28.66
CA LEU A 26 -5.58 -25.18 -28.70
C LEU A 26 -6.41 -25.45 -29.96
N VAL A 27 -7.25 -24.49 -30.33
CA VAL A 27 -8.04 -24.59 -31.57
C VAL A 27 -7.13 -24.67 -32.80
N GLY A 28 -6.10 -23.84 -32.83
CA GLY A 28 -5.11 -23.86 -33.91
C GLY A 28 -4.25 -25.11 -33.96
N LEU A 29 -4.10 -25.79 -32.83
CA LEU A 29 -3.41 -27.09 -32.78
C LEU A 29 -4.28 -28.23 -33.32
N GLY A 30 -5.59 -28.02 -33.35
CA GLY A 30 -6.54 -29.01 -33.86
C GLY A 30 -7.47 -29.61 -32.82
N PHE A 31 -7.52 -29.02 -31.63
CA PHE A 31 -8.41 -29.48 -30.56
C PHE A 31 -9.79 -28.83 -30.67
N GLU A 32 -10.81 -29.55 -30.22
CA GLU A 32 -12.09 -28.95 -29.89
C GLU A 32 -12.04 -28.61 -28.40
N VAL A 33 -12.29 -27.34 -28.07
CA VAL A 33 -12.15 -26.85 -26.71
C VAL A 33 -13.52 -26.68 -26.07
N ILE A 34 -13.77 -27.42 -24.99
CA ILE A 34 -15.01 -27.32 -24.22
C ILE A 34 -14.70 -26.85 -22.80
N VAL A 35 -15.41 -25.82 -22.34
CA VAL A 35 -15.25 -25.30 -20.99
C VAL A 35 -16.61 -25.40 -20.31
N GLU A 36 -16.61 -25.81 -19.05
CA GLU A 36 -17.85 -25.82 -18.27
C GLU A 36 -18.33 -24.38 -18.05
N GLN A 37 -19.65 -24.20 -18.17
CA GLN A 37 -20.32 -22.93 -17.93
C GLN A 37 -19.94 -22.33 -16.56
N GLY A 38 -19.42 -21.09 -16.60
CA GLY A 38 -19.11 -20.34 -15.38
C GLY A 38 -17.81 -20.75 -14.70
N ALA A 39 -16.97 -21.51 -15.40
CA ALA A 39 -15.72 -22.02 -14.84
C ALA A 39 -14.70 -20.90 -14.54
N GLY A 40 -14.73 -19.84 -15.35
CA GLY A 40 -13.78 -18.73 -15.21
C GLY A 40 -14.26 -17.52 -14.41
N VAL A 41 -15.41 -17.64 -13.75
CA VAL A 41 -16.01 -16.52 -13.00
C VAL A 41 -15.08 -15.96 -11.93
N GLY A 42 -14.44 -16.84 -11.16
CA GLY A 42 -13.49 -16.42 -10.12
C GLY A 42 -12.22 -15.80 -10.69
N ALA A 43 -11.87 -16.19 -11.91
CA ALA A 43 -10.70 -15.67 -12.62
C ALA A 43 -11.07 -14.51 -13.55
N SER A 44 -12.29 -13.98 -13.41
CA SER A 44 -12.81 -12.89 -14.24
C SER A 44 -12.81 -13.19 -15.74
N ILE A 45 -12.97 -14.48 -16.07
CA ILE A 45 -13.04 -14.93 -17.47
C ILE A 45 -14.47 -15.38 -17.78
N THR A 46 -15.12 -14.66 -18.70
CA THR A 46 -16.52 -14.90 -19.02
C THR A 46 -16.69 -16.07 -20.00
N ASP A 47 -17.88 -16.67 -20.00
CA ASP A 47 -18.24 -17.69 -20.98
C ASP A 47 -18.20 -17.12 -22.41
N ASP A 48 -18.65 -15.87 -22.56
CA ASP A 48 -18.61 -15.15 -23.85
C ASP A 48 -17.20 -14.99 -24.41
N ALA A 49 -16.23 -14.70 -23.53
CA ALA A 49 -14.84 -14.50 -23.94
C ALA A 49 -14.19 -15.79 -24.45
N LEU A 50 -14.50 -16.90 -23.79
CA LEU A 50 -14.01 -18.22 -24.21
C LEU A 50 -14.72 -18.67 -25.50
N THR A 51 -16.03 -18.39 -25.59
CA THR A 51 -16.80 -18.61 -26.82
C THR A 51 -16.20 -17.85 -28.00
N ALA A 52 -15.93 -16.56 -27.81
CA ALA A 52 -15.32 -15.71 -28.85
C ALA A 52 -13.92 -16.19 -29.26
N ALA A 53 -13.22 -16.83 -28.32
CA ALA A 53 -11.90 -17.41 -28.57
C ALA A 53 -11.97 -18.75 -29.32
N GLY A 54 -13.16 -19.33 -29.42
CA GLY A 54 -13.40 -20.56 -30.17
C GLY A 54 -13.69 -21.79 -29.33
N ALA A 55 -14.24 -21.59 -28.12
CA ALA A 55 -14.56 -22.70 -27.22
C ALA A 55 -16.06 -22.94 -27.20
N THR A 56 -16.43 -24.20 -26.92
CA THR A 56 -17.81 -24.58 -26.69
C THR A 56 -18.07 -24.47 -25.18
N ILE A 57 -19.31 -24.18 -24.81
CA ILE A 57 -19.71 -24.06 -23.41
C ILE A 57 -20.67 -25.21 -23.07
N ALA A 58 -20.25 -26.07 -22.14
CA ALA A 58 -21.09 -27.17 -21.65
C ALA A 58 -21.80 -26.75 -20.36
N SER A 59 -23.05 -27.19 -20.21
CA SER A 59 -23.90 -26.75 -19.10
C SER A 59 -23.47 -27.31 -17.74
N THR A 60 -22.86 -28.49 -17.74
CA THR A 60 -22.39 -29.13 -16.50
C THR A 60 -20.99 -29.68 -16.66
N ALA A 61 -20.39 -30.06 -15.53
CA ALA A 61 -19.06 -30.69 -15.50
C ALA A 61 -19.04 -32.04 -16.22
N ALA A 62 -20.07 -32.85 -15.99
CA ALA A 62 -20.20 -34.15 -16.64
C ALA A 62 -20.30 -34.03 -18.16
N GLN A 63 -21.16 -33.13 -18.62
CA GLN A 63 -21.33 -32.87 -20.06
C GLN A 63 -20.06 -32.35 -20.74
N ALA A 64 -19.26 -31.57 -20.00
CA ALA A 64 -17.96 -31.09 -20.50
C ALA A 64 -16.95 -32.22 -20.64
N LEU A 65 -16.90 -33.10 -19.64
CA LEU A 65 -15.90 -34.19 -19.56
C LEU A 65 -16.28 -35.46 -20.35
N SER A 66 -17.55 -35.58 -20.72
CA SER A 66 -18.11 -36.81 -21.30
C SER A 66 -17.34 -37.39 -22.49
N GLN A 67 -16.99 -36.54 -23.45
CA GLN A 67 -16.33 -36.98 -24.69
C GLN A 67 -14.89 -36.47 -24.79
N ALA A 68 -14.33 -35.96 -23.69
CA ALA A 68 -13.03 -35.31 -23.71
C ALA A 68 -11.88 -36.31 -23.72
N ASP A 69 -11.01 -36.18 -24.72
CA ASP A 69 -9.81 -37.01 -24.85
C ASP A 69 -8.73 -36.57 -23.87
N VAL A 70 -8.65 -35.27 -23.62
CA VAL A 70 -7.72 -34.71 -22.65
C VAL A 70 -8.52 -33.77 -21.71
N VAL A 71 -8.15 -33.78 -20.43
CA VAL A 71 -8.79 -32.93 -19.44
C VAL A 71 -7.73 -32.08 -18.73
N TRP A 72 -7.98 -30.77 -18.67
CA TRP A 72 -7.15 -29.84 -17.91
C TRP A 72 -7.90 -29.35 -16.69
N LYS A 73 -7.24 -29.45 -15.54
CA LYS A 73 -7.77 -28.97 -14.26
C LYS A 73 -6.68 -28.25 -13.50
N VAL A 74 -7.07 -27.45 -12.49
CA VAL A 74 -6.10 -26.84 -11.59
C VAL A 74 -5.76 -27.85 -10.47
N GLN A 75 -6.69 -28.06 -9.55
CA GLN A 75 -6.45 -28.97 -8.41
C GLN A 75 -6.85 -30.40 -8.78
N ARG A 76 -6.45 -31.35 -7.94
CA ARG A 76 -6.74 -32.74 -8.20
C ARG A 76 -8.25 -33.00 -8.16
N PRO A 77 -8.74 -33.92 -9.01
CA PRO A 77 -10.17 -34.27 -8.96
C PRO A 77 -10.57 -34.84 -7.61
N MET A 78 -11.79 -34.51 -7.16
CA MET A 78 -12.32 -35.06 -5.92
C MET A 78 -12.80 -36.49 -6.14
N THR A 79 -12.47 -37.35 -5.19
CA THR A 79 -12.89 -38.75 -5.23
C THR A 79 -14.24 -38.90 -4.53
N ALA A 80 -14.84 -40.08 -4.69
CA ALA A 80 -16.12 -40.39 -4.04
C ALA A 80 -16.01 -40.29 -2.52
N GLU A 81 -14.84 -40.62 -2.00
CA GLU A 81 -14.52 -40.52 -0.57
C GLU A 81 -14.57 -39.07 -0.08
N GLU A 82 -14.26 -38.12 -0.96
CA GLU A 82 -14.26 -36.69 -0.63
C GLU A 82 -15.61 -36.00 -0.84
N GLY A 83 -16.56 -36.71 -1.46
CA GLY A 83 -17.89 -36.16 -1.75
C GLY A 83 -18.30 -36.51 -3.16
N THR A 84 -18.28 -35.52 -4.06
CA THR A 84 -18.62 -35.74 -5.46
C THR A 84 -17.45 -36.40 -6.19
N ASP A 85 -17.73 -37.53 -6.84
CA ASP A 85 -16.71 -38.29 -7.57
C ASP A 85 -16.48 -37.66 -8.95
N GLU A 86 -15.42 -36.86 -9.05
CA GLU A 86 -15.05 -36.19 -10.30
C GLU A 86 -14.26 -37.11 -11.23
N VAL A 87 -13.54 -38.06 -10.65
CA VAL A 87 -12.76 -39.03 -11.41
C VAL A 87 -13.70 -39.87 -12.30
N ALA A 88 -14.87 -40.20 -11.77
CA ALA A 88 -15.89 -40.98 -12.49
C ALA A 88 -16.52 -40.22 -13.68
N LEU A 89 -16.45 -38.89 -13.68
CA LEU A 89 -16.93 -38.07 -14.80
C LEU A 89 -16.01 -38.13 -16.02
N ILE A 90 -14.73 -38.40 -15.78
CA ILE A 90 -13.73 -38.43 -16.85
C ILE A 90 -13.89 -39.70 -17.66
N LYS A 91 -13.90 -39.55 -18.99
CA LYS A 91 -14.02 -40.69 -19.91
C LYS A 91 -12.82 -41.62 -19.79
N GLU A 92 -13.06 -42.93 -19.89
CA GLU A 92 -12.01 -43.94 -19.74
C GLU A 92 -10.96 -43.85 -20.84
N GLY A 93 -9.69 -44.01 -20.47
CA GLY A 93 -8.58 -43.95 -21.41
C GLY A 93 -8.05 -42.55 -21.70
N ALA A 94 -8.71 -41.53 -21.14
CA ALA A 94 -8.39 -40.12 -21.43
C ALA A 94 -7.11 -39.66 -20.74
N VAL A 95 -6.67 -38.45 -21.08
CA VAL A 95 -5.47 -37.85 -20.50
C VAL A 95 -5.86 -36.75 -19.51
N LEU A 96 -5.18 -36.73 -18.36
CA LEU A 96 -5.43 -35.72 -17.33
C LEU A 96 -4.13 -35.00 -16.97
N MET A 97 -4.19 -33.66 -17.02
CA MET A 97 -3.08 -32.80 -16.60
C MET A 97 -3.55 -31.76 -15.58
N CYS A 98 -2.96 -31.80 -14.38
CA CYS A 98 -3.31 -30.86 -13.31
C CYS A 98 -2.26 -30.89 -12.19
N HIS A 99 -2.44 -30.02 -11.21
CA HIS A 99 -1.71 -30.12 -9.94
C HIS A 99 -2.34 -31.30 -9.22
N LEU A 100 -1.69 -32.45 -9.30
CA LEU A 100 -2.29 -33.70 -8.85
C LEU A 100 -1.98 -34.00 -7.38
N GLY A 101 -0.80 -33.58 -6.91
CA GLY A 101 -0.33 -33.89 -5.57
C GLY A 101 -0.18 -35.38 -5.37
N ALA A 102 0.36 -36.04 -6.40
CA ALA A 102 0.41 -37.51 -6.47
C ALA A 102 1.19 -38.16 -5.32
N LEU A 103 2.27 -37.50 -4.89
CA LEU A 103 3.14 -38.06 -3.84
C LEU A 103 2.49 -38.08 -2.45
N THR A 104 1.49 -37.23 -2.22
CA THR A 104 0.77 -37.19 -0.93
C THR A 104 -0.71 -37.57 -1.03
N ASN A 105 -1.18 -37.93 -2.23
CA ASN A 105 -2.58 -38.32 -2.44
C ASN A 105 -2.69 -39.57 -3.32
N ARG A 106 -2.46 -40.73 -2.71
CA ARG A 106 -2.55 -42.02 -3.42
C ARG A 106 -3.96 -42.47 -3.81
N PRO A 107 -4.99 -42.18 -2.98
CA PRO A 107 -6.36 -42.56 -3.36
C PRO A 107 -6.84 -42.05 -4.72
N VAL A 108 -6.51 -40.80 -5.07
CA VAL A 108 -6.90 -40.23 -6.36
C VAL A 108 -6.09 -40.87 -7.50
N VAL A 109 -4.84 -41.24 -7.24
CA VAL A 109 -3.97 -41.89 -8.22
C VAL A 109 -4.52 -43.27 -8.60
N GLU A 110 -4.92 -44.05 -7.60
CA GLU A 110 -5.49 -45.37 -7.82
C GLU A 110 -6.87 -45.30 -8.50
N ALA A 111 -7.64 -44.26 -8.20
CA ALA A 111 -8.96 -44.05 -8.80
C ALA A 111 -8.85 -43.74 -10.30
N LEU A 112 -7.86 -42.95 -10.68
CA LEU A 112 -7.56 -42.69 -12.09
C LEU A 112 -7.01 -43.93 -12.78
N THR A 113 -6.23 -44.73 -12.04
CA THR A 113 -5.68 -45.98 -12.53
C THR A 113 -6.79 -47.00 -12.85
N LYS A 114 -7.80 -47.09 -11.99
CA LYS A 114 -8.93 -48.00 -12.20
C LYS A 114 -9.75 -47.67 -13.45
N ARG A 115 -9.86 -46.37 -13.79
CA ARG A 115 -10.58 -45.94 -14.98
C ARG A 115 -9.67 -45.79 -16.22
N LYS A 116 -8.45 -46.32 -16.14
CA LYS A 116 -7.48 -46.33 -17.25
C LYS A 116 -7.07 -44.93 -17.71
N ILE A 117 -7.21 -43.94 -16.83
CA ILE A 117 -6.94 -42.55 -17.16
C ILE A 117 -5.44 -42.30 -17.05
N THR A 118 -4.86 -41.66 -18.07
CA THR A 118 -3.45 -41.28 -18.06
C THR A 118 -3.30 -39.92 -17.36
N ALA A 119 -2.58 -39.90 -16.24
CA ALA A 119 -2.46 -38.70 -15.40
C ALA A 119 -1.03 -38.14 -15.37
N TYR A 120 -0.91 -36.83 -15.64
CA TYR A 120 0.36 -36.12 -15.55
C TYR A 120 0.32 -35.08 -14.43
N ALA A 121 1.20 -35.27 -13.45
CA ALA A 121 1.28 -34.39 -12.28
C ALA A 121 2.23 -33.22 -12.56
N MET A 122 1.64 -32.05 -12.78
CA MET A 122 2.39 -30.87 -13.19
C MET A 122 3.38 -30.34 -12.14
N GLU A 123 3.11 -30.64 -10.86
CA GLU A 123 4.02 -30.27 -9.76
C GLU A 123 5.32 -31.09 -9.74
N LEU A 124 5.34 -32.23 -10.43
CA LEU A 124 6.54 -33.06 -10.54
C LEU A 124 7.37 -32.72 -11.78
N MET A 125 7.24 -31.48 -12.25
CA MET A 125 8.00 -31.01 -13.40
C MET A 125 9.47 -30.95 -13.04
N PRO A 126 10.33 -31.63 -13.82
CA PRO A 126 11.77 -31.68 -13.52
C PRO A 126 12.40 -30.29 -13.53
N ARG A 127 13.35 -30.05 -12.63
CA ARG A 127 13.97 -28.74 -12.48
C ARG A 127 15.07 -28.49 -13.50
N ILE A 128 14.67 -28.42 -14.77
CA ILE A 128 15.60 -28.11 -15.86
C ILE A 128 15.20 -26.75 -16.45
N SER A 129 16.17 -26.09 -17.07
CA SER A 129 15.98 -24.72 -17.58
C SER A 129 14.87 -24.62 -18.63
N ARG A 130 14.75 -25.63 -19.47
CA ARG A 130 13.77 -25.63 -20.56
C ARG A 130 12.33 -25.93 -20.10
N ALA A 131 12.16 -26.37 -18.86
CA ALA A 131 10.84 -26.66 -18.30
C ALA A 131 10.28 -25.53 -17.41
N GLN A 132 10.99 -24.40 -17.35
CA GLN A 132 10.54 -23.23 -16.56
C GLN A 132 9.23 -22.65 -17.09
N SER A 133 9.02 -22.75 -18.40
CA SER A 133 7.78 -22.29 -19.04
C SER A 133 6.55 -23.14 -18.71
N MET A 134 6.78 -24.35 -18.21
CA MET A 134 5.71 -25.30 -17.86
C MET A 134 5.67 -25.57 -16.34
N ASN A 135 6.43 -24.80 -15.57
CA ASN A 135 6.56 -24.98 -14.12
C ASN A 135 5.42 -24.28 -13.37
N ILE A 136 4.44 -25.05 -12.90
CA ILE A 136 3.31 -24.49 -12.17
C ILE A 136 3.68 -23.99 -10.77
N LEU A 137 4.69 -24.59 -10.14
CA LEU A 137 5.09 -24.20 -8.79
C LEU A 137 5.65 -22.77 -8.74
N SER A 138 6.56 -22.46 -9.65
CA SER A 138 7.17 -21.12 -9.70
C SER A 138 6.21 -20.04 -10.21
N SER A 139 5.36 -20.38 -11.19
CA SER A 139 4.37 -19.41 -11.69
C SER A 139 3.38 -19.01 -10.61
N GLN A 140 2.90 -19.98 -9.83
CA GLN A 140 1.92 -19.73 -8.77
C GLN A 140 2.53 -19.11 -7.51
N SER A 141 3.72 -19.56 -7.12
CA SER A 141 4.38 -19.04 -5.92
C SER A 141 4.92 -17.63 -6.11
N ASN A 142 5.24 -17.26 -7.36
CA ASN A 142 5.59 -15.88 -7.68
C ASN A 142 4.47 -14.92 -7.29
N LEU A 143 3.25 -15.25 -7.70
CA LEU A 143 2.07 -14.44 -7.38
C LEU A 143 1.70 -14.51 -5.89
N ALA A 144 2.00 -15.64 -5.26
CA ALA A 144 1.78 -15.80 -3.83
C ALA A 144 2.72 -14.87 -3.03
N GLY A 145 3.93 -14.70 -3.53
CA GLY A 145 4.90 -13.79 -2.94
C GLY A 145 4.42 -12.34 -2.97
N TYR A 146 3.89 -11.93 -4.12
CA TYR A 146 3.25 -10.62 -4.26
C TYR A 146 2.10 -10.47 -3.27
N ARG A 147 1.23 -11.48 -3.25
CA ARG A 147 0.00 -11.42 -2.48
C ARG A 147 0.24 -11.36 -0.97
N ALA A 148 1.32 -11.99 -0.51
CA ALA A 148 1.73 -11.94 0.89
C ALA A 148 1.95 -10.52 1.39
N VAL A 149 2.59 -9.69 0.56
CA VAL A 149 2.81 -8.28 0.89
C VAL A 149 1.50 -7.53 0.96
N ILE A 150 0.61 -7.80 0.00
CA ILE A 150 -0.71 -7.16 -0.06
C ILE A 150 -1.57 -7.54 1.15
N ASP A 151 -1.58 -8.82 1.50
CA ASP A 151 -2.22 -9.30 2.72
C ASP A 151 -1.59 -8.70 3.97
N GLY A 152 -0.26 -8.64 3.99
CA GLY A 152 0.47 -7.96 5.06
C GLY A 152 0.05 -6.50 5.23
N ALA A 153 0.05 -5.77 4.12
CA ALA A 153 -0.32 -4.35 4.12
C ALA A 153 -1.76 -4.12 4.55
N TYR A 154 -2.64 -5.05 4.16
CA TYR A 154 -4.04 -4.96 4.49
C TYR A 154 -4.31 -5.20 5.97
N GLU A 155 -3.62 -6.18 6.55
CA GLU A 155 -3.78 -6.47 7.98
C GLU A 155 -3.04 -5.48 8.87
N PHE A 156 -2.11 -4.71 8.30
CA PHE A 156 -1.28 -3.77 9.04
C PHE A 156 -2.03 -2.45 9.25
N ALA A 157 -1.93 -1.91 10.46
CA ALA A 157 -2.60 -0.66 10.84
C ALA A 157 -1.73 0.58 10.59
N ARG A 158 -0.63 0.41 9.87
CA ARG A 158 0.27 1.50 9.53
C ARG A 158 0.46 1.50 8.02
N ALA A 159 1.11 2.55 7.54
CA ALA A 159 1.45 2.67 6.12
C ALA A 159 2.83 2.07 5.88
N PHE A 160 3.03 1.57 4.66
CA PHE A 160 4.32 1.02 4.25
C PHE A 160 5.40 2.08 4.00
N PRO A 161 5.12 3.13 3.19
CA PRO A 161 6.20 4.05 2.81
C PRO A 161 6.50 5.16 3.81
N MET A 162 7.74 5.64 3.78
CA MET A 162 8.11 6.86 4.49
C MET A 162 7.42 8.05 3.82
N MET A 163 6.76 8.86 4.65
CA MET A 163 6.17 10.12 4.21
C MET A 163 6.54 11.20 5.20
N MET A 164 7.25 12.22 4.72
CA MET A 164 7.49 13.41 5.52
C MET A 164 6.34 14.38 5.24
N THR A 165 5.74 14.86 6.32
CA THR A 165 4.46 15.57 6.25
C THR A 165 4.45 16.72 7.26
N ALA A 166 3.49 17.62 7.12
CA ALA A 166 3.32 18.75 8.04
C ALA A 166 2.99 18.30 9.46
N ALA A 167 2.34 17.15 9.60
CA ALA A 167 2.04 16.56 10.90
C ALA A 167 3.12 15.61 11.42
N GLY A 168 4.30 15.62 10.80
CA GLY A 168 5.41 14.79 11.22
C GLY A 168 5.69 13.69 10.22
N THR A 169 6.76 12.94 10.47
CA THR A 169 7.21 11.92 9.55
C THR A 169 6.53 10.57 9.86
N VAL A 170 5.92 9.99 8.83
CA VAL A 170 5.47 8.61 8.87
C VAL A 170 6.69 7.76 8.53
N PRO A 171 7.14 6.90 9.47
CA PRO A 171 8.33 6.10 9.18
C PRO A 171 8.01 4.96 8.21
N PRO A 172 9.03 4.45 7.50
CA PRO A 172 8.76 3.33 6.60
C PRO A 172 8.52 2.05 7.39
N ALA A 173 7.72 1.13 6.85
CA ALA A 173 7.56 -0.18 7.46
C ALA A 173 8.84 -0.96 7.28
N ARG A 174 9.11 -1.88 8.20
CA ARG A 174 10.24 -2.78 8.10
C ARG A 174 9.73 -4.18 7.83
N VAL A 175 10.22 -4.78 6.75
CA VAL A 175 9.77 -6.10 6.31
C VAL A 175 10.94 -7.07 6.42
N LEU A 176 10.67 -8.28 6.90
CA LEU A 176 11.68 -9.33 6.97
C LEU A 176 11.15 -10.54 6.20
N VAL A 177 11.85 -10.92 5.14
CA VAL A 177 11.48 -12.09 4.34
C VAL A 177 12.35 -13.29 4.73
N PHE A 178 11.69 -14.36 5.18
CA PHE A 178 12.36 -15.62 5.55
C PHE A 178 12.22 -16.62 4.40
N GLY A 179 13.33 -16.95 3.75
CA GLY A 179 13.31 -17.84 2.59
C GLY A 179 13.15 -17.01 1.32
N VAL A 180 14.20 -17.01 0.49
CA VAL A 180 14.24 -16.22 -0.74
C VAL A 180 14.30 -17.15 -1.95
N GLY A 181 13.25 -17.93 -2.11
CA GLY A 181 13.00 -18.66 -3.35
C GLY A 181 12.19 -17.77 -4.28
N VAL A 182 11.31 -18.37 -5.07
CA VAL A 182 10.50 -17.62 -6.04
C VAL A 182 9.52 -16.68 -5.34
N ALA A 183 8.82 -17.19 -4.33
CA ALA A 183 7.86 -16.38 -3.56
C ALA A 183 8.56 -15.26 -2.79
N GLY A 184 9.67 -15.58 -2.14
CA GLY A 184 10.45 -14.62 -1.38
C GLY A 184 11.00 -13.45 -2.19
N LEU A 185 11.48 -13.73 -3.41
CA LEU A 185 11.99 -12.69 -4.29
C LEU A 185 10.90 -11.65 -4.65
N GLN A 186 9.70 -12.13 -4.95
CA GLN A 186 8.57 -11.25 -5.29
C GLN A 186 8.07 -10.48 -4.06
N ALA A 187 8.14 -11.11 -2.90
CA ALA A 187 7.81 -10.43 -1.65
C ALA A 187 8.74 -9.25 -1.39
N ILE A 188 10.04 -9.47 -1.58
CA ILE A 188 11.03 -8.39 -1.44
C ILE A 188 10.69 -7.26 -2.40
N ALA A 189 10.50 -7.60 -3.66
CA ALA A 189 10.24 -6.62 -4.72
C ALA A 189 8.99 -5.79 -4.47
N THR A 190 7.92 -6.44 -4.02
CA THR A 190 6.64 -5.77 -3.82
C THR A 190 6.65 -4.87 -2.58
N ALA A 191 7.30 -5.34 -1.52
CA ALA A 191 7.49 -4.53 -0.30
C ALA A 191 8.35 -3.30 -0.59
N LYS A 192 9.38 -3.50 -1.39
CA LYS A 192 10.27 -2.43 -1.84
C LYS A 192 9.49 -1.38 -2.63
N ARG A 193 8.68 -1.84 -3.59
CA ARG A 193 7.76 -0.97 -4.33
C ARG A 193 6.95 -0.05 -3.42
N LEU A 194 6.41 -0.60 -2.33
CA LEU A 194 5.57 0.14 -1.40
C LEU A 194 6.33 1.03 -0.41
N GLY A 195 7.66 1.04 -0.49
CA GLY A 195 8.49 1.95 0.30
C GLY A 195 9.03 1.37 1.60
N ALA A 196 8.82 0.07 1.82
CA ALA A 196 9.31 -0.58 3.03
C ALA A 196 10.82 -0.78 2.99
N VAL A 197 11.43 -0.79 4.18
CA VAL A 197 12.80 -1.23 4.35
C VAL A 197 12.73 -2.75 4.42
N VAL A 198 13.50 -3.43 3.58
CA VAL A 198 13.37 -4.88 3.45
C VAL A 198 14.64 -5.62 3.86
N MET A 199 14.51 -6.51 4.83
CA MET A 199 15.56 -7.44 5.23
C MET A 199 15.17 -8.84 4.77
N ALA A 200 16.17 -9.66 4.51
CA ALA A 200 15.90 -11.04 4.09
C ALA A 200 16.99 -11.99 4.57
N THR A 201 16.63 -13.26 4.70
CA THR A 201 17.58 -14.31 5.05
C THR A 201 17.19 -15.63 4.39
N ASP A 202 18.20 -16.43 4.10
CA ASP A 202 18.03 -17.74 3.48
C ASP A 202 19.30 -18.55 3.78
N VAL A 203 19.19 -19.87 3.66
CA VAL A 203 20.33 -20.77 3.89
C VAL A 203 21.24 -20.93 2.67
N ARG A 204 20.70 -20.66 1.48
CA ARG A 204 21.48 -20.74 0.24
C ARG A 204 22.29 -19.45 0.04
N ALA A 205 23.57 -19.62 -0.32
CA ALA A 205 24.51 -18.49 -0.46
C ALA A 205 24.25 -17.61 -1.68
N ALA A 206 23.80 -18.22 -2.77
CA ALA A 206 23.54 -17.50 -4.03
C ALA A 206 22.39 -16.49 -3.93
N THR A 207 21.60 -16.62 -2.87
CA THR A 207 20.48 -15.74 -2.58
C THR A 207 20.90 -14.31 -2.19
N LYS A 208 22.02 -14.19 -1.48
CA LYS A 208 22.48 -12.89 -0.95
C LYS A 208 22.55 -11.79 -2.02
N GLU A 209 23.14 -12.12 -3.15
CA GLU A 209 23.29 -11.17 -4.26
C GLU A 209 21.95 -10.83 -4.91
N GLN A 210 21.03 -11.79 -4.91
CA GLN A 210 19.67 -11.58 -5.44
C GLN A 210 18.88 -10.60 -4.58
N VAL A 211 19.01 -10.71 -3.26
CA VAL A 211 18.36 -9.81 -2.30
C VAL A 211 18.88 -8.38 -2.47
N GLU A 212 20.21 -8.25 -2.59
CA GLU A 212 20.86 -6.95 -2.72
C GLU A 212 20.55 -6.23 -4.04
N SER A 213 20.41 -7.00 -5.13
CA SER A 213 20.06 -6.44 -6.43
C SER A 213 18.60 -5.94 -6.49
N LEU A 214 17.77 -6.40 -5.55
CA LEU A 214 16.41 -5.88 -5.37
C LEU A 214 16.35 -4.73 -4.36
N GLY A 215 17.49 -4.35 -3.80
CA GLY A 215 17.58 -3.27 -2.82
C GLY A 215 17.29 -3.71 -1.38
N GLY A 216 17.24 -5.01 -1.15
CA GLY A 216 17.08 -5.55 0.20
C GLY A 216 18.43 -5.73 0.85
N LYS A 217 18.44 -5.94 2.16
CA LYS A 217 19.68 -6.26 2.88
C LYS A 217 19.64 -7.66 3.48
N PHE A 218 20.66 -8.45 3.17
CA PHE A 218 20.74 -9.84 3.60
C PHE A 218 21.23 -9.93 5.06
N ILE A 219 20.57 -10.77 5.85
CA ILE A 219 21.03 -11.06 7.22
C ILE A 219 21.94 -12.28 7.17
N THR A 220 23.22 -12.08 7.44
CA THR A 220 24.21 -13.15 7.41
C THR A 220 24.08 -14.07 8.63
N VAL A 221 24.24 -15.37 8.39
CA VAL A 221 24.23 -16.37 9.46
C VAL A 221 25.29 -17.43 9.17
N GLY A 234 19.20 -24.51 -6.31
CA GLY A 234 18.12 -25.47 -6.08
C GLY A 234 17.41 -25.25 -4.75
N TYR A 235 17.22 -26.33 -4.00
CA TYR A 235 16.51 -26.30 -2.70
C TYR A 235 17.47 -26.53 -1.53
N ALA A 236 16.92 -26.51 -0.31
CA ALA A 236 17.70 -26.59 0.92
C ALA A 236 17.62 -27.98 1.57
N LYS A 237 18.40 -28.15 2.63
CA LYS A 237 18.39 -29.36 3.46
C LYS A 237 17.92 -29.00 4.86
N GLU A 238 17.70 -30.02 5.69
CA GLU A 238 17.38 -29.80 7.10
C GLU A 238 18.65 -29.41 7.86
N MET A 239 18.67 -28.19 8.37
CA MET A 239 19.89 -27.61 8.95
C MET A 239 20.23 -28.12 10.34
N GLY A 240 19.21 -28.53 11.10
CA GLY A 240 19.41 -29.04 12.46
C GLY A 240 19.22 -27.97 13.52
N GLU A 241 19.34 -28.36 14.77
CA GLU A 241 19.09 -27.49 15.92
C GLU A 241 20.21 -26.47 16.16
N GLU A 242 21.45 -26.88 15.89
CA GLU A 242 22.63 -26.02 16.06
C GLU A 242 22.51 -24.73 15.24
N PHE A 243 22.24 -24.89 13.95
CA PHE A 243 22.09 -23.76 13.04
C PHE A 243 20.85 -22.91 13.36
N ARG A 244 19.80 -23.56 13.84
CA ARG A 244 18.53 -22.91 14.15
C ARG A 244 18.68 -21.89 15.28
N LYS A 245 19.50 -22.22 16.27
CA LYS A 245 19.86 -21.29 17.35
C LYS A 245 20.63 -20.08 16.83
N LYS A 246 21.61 -20.32 15.96
CA LYS A 246 22.42 -19.25 15.37
C LYS A 246 21.64 -18.37 14.39
N GLN A 247 20.69 -18.98 13.68
CA GLN A 247 19.82 -18.25 12.77
C GLN A 247 18.89 -17.32 13.54
N ALA A 248 18.19 -17.88 14.51
CA ALA A 248 17.28 -17.11 15.37
C ALA A 248 18.00 -15.96 16.09
N GLU A 249 19.25 -16.18 16.49
CA GLU A 249 20.06 -15.16 17.17
C GLU A 249 20.33 -13.96 16.27
N ALA A 250 20.81 -14.22 15.06
CA ALA A 250 21.13 -13.15 14.10
C ALA A 250 19.86 -12.45 13.59
N VAL A 251 18.79 -13.21 13.47
CA VAL A 251 17.50 -12.70 13.00
C VAL A 251 16.83 -11.78 14.02
N LEU A 252 17.02 -12.07 15.31
CA LEU A 252 16.27 -11.41 16.38
C LEU A 252 16.49 -9.90 16.46
N LYS A 253 17.69 -9.41 16.13
CA LYS A 253 17.96 -7.97 16.16
C LYS A 253 17.06 -7.22 15.18
N GLU A 254 16.82 -7.83 14.02
CA GLU A 254 15.90 -7.27 13.03
C GLU A 254 14.45 -7.58 13.34
N LEU A 255 14.18 -8.78 13.86
CA LEU A 255 12.82 -9.22 14.12
C LEU A 255 12.10 -8.39 15.19
N VAL A 256 12.85 -7.90 16.18
CA VAL A 256 12.28 -6.99 17.19
C VAL A 256 11.91 -5.61 16.63
N LYS A 257 12.51 -5.23 15.49
CA LYS A 257 12.19 -3.98 14.78
C LYS A 257 11.23 -4.19 13.60
N THR A 258 10.91 -5.44 13.28
CA THR A 258 10.17 -5.78 12.06
C THR A 258 8.68 -5.52 12.24
N ASP A 259 8.06 -4.98 11.21
CA ASP A 259 6.62 -4.75 11.18
C ASP A 259 5.90 -5.91 10.49
N ILE A 260 6.43 -6.34 9.34
CA ILE A 260 5.86 -7.45 8.57
C ILE A 260 6.91 -8.53 8.40
N ALA A 261 6.62 -9.74 8.88
CA ALA A 261 7.47 -10.90 8.63
C ALA A 261 6.80 -11.82 7.62
N ILE A 262 7.46 -12.05 6.48
CA ILE A 262 6.95 -12.97 5.46
C ILE A 262 7.79 -14.25 5.48
N THR A 263 7.16 -15.39 5.76
CA THR A 263 7.88 -16.66 5.85
C THR A 263 7.45 -17.61 4.71
N THR A 264 8.43 -18.03 3.91
CA THR A 264 8.16 -18.78 2.68
C THR A 264 8.93 -20.11 2.57
N ALA A 265 9.63 -20.50 3.63
CA ALA A 265 10.61 -21.59 3.54
C ALA A 265 9.97 -22.98 3.54
N LEU A 266 10.36 -23.81 2.56
CA LEU A 266 9.98 -25.22 2.49
C LEU A 266 11.20 -26.11 2.32
N ILE A 267 11.04 -27.39 2.68
CA ILE A 267 12.05 -28.43 2.46
C ILE A 267 11.33 -29.66 1.88
N PRO A 268 11.71 -30.09 0.65
CA PRO A 268 10.99 -31.16 -0.04
C PRO A 268 10.87 -32.47 0.74
N GLY A 269 9.66 -33.02 0.80
CA GLY A 269 9.39 -34.28 1.49
C GLY A 269 9.49 -34.21 3.00
N LYS A 270 9.47 -32.98 3.55
CA LYS A 270 9.65 -32.75 4.98
C LYS A 270 8.68 -31.66 5.44
N PRO A 271 8.35 -31.63 6.75
CA PRO A 271 7.62 -30.48 7.29
C PRO A 271 8.41 -29.18 7.12
N ALA A 272 7.69 -28.07 7.02
CA ALA A 272 8.32 -26.76 6.84
C ALA A 272 9.16 -26.44 8.07
N PRO A 273 10.36 -25.83 7.88
CA PRO A 273 11.22 -25.53 9.02
C PRO A 273 10.66 -24.42 9.89
N VAL A 274 10.85 -24.54 11.19
CA VAL A 274 10.41 -23.53 12.14
C VAL A 274 11.42 -22.39 12.11
N LEU A 275 10.95 -21.21 11.75
CA LEU A 275 11.79 -20.01 11.60
C LEU A 275 11.45 -18.93 12.61
N ILE A 276 10.17 -18.83 13.01
CA ILE A 276 9.74 -17.92 14.07
C ILE A 276 8.94 -18.71 15.10
N THR A 277 9.57 -18.96 16.26
CA THR A 277 8.94 -19.70 17.34
C THR A 277 7.99 -18.78 18.08
N GLU A 278 7.18 -19.35 18.96
CA GLU A 278 6.27 -18.58 19.80
C GLU A 278 7.02 -17.63 20.75
N GLU A 279 8.19 -18.07 21.21
CA GLU A 279 9.07 -17.22 22.01
C GLU A 279 9.57 -16.01 21.21
N MET A 280 9.81 -16.20 19.91
CA MET A 280 10.25 -15.11 19.04
C MET A 280 9.16 -14.07 18.74
N VAL A 281 7.90 -14.51 18.64
CA VAL A 281 6.79 -13.56 18.38
C VAL A 281 6.51 -12.73 19.64
N THR A 282 6.80 -13.30 20.81
CA THR A 282 6.73 -12.59 22.09
C THR A 282 7.55 -11.30 22.08
N LYS A 283 8.69 -11.32 21.39
CA LYS A 283 9.60 -10.17 21.33
C LYS A 283 9.25 -9.16 20.23
N MET A 284 8.24 -9.46 19.42
CA MET A 284 7.85 -8.56 18.32
C MET A 284 6.95 -7.42 18.81
N LYS A 285 6.96 -6.32 18.07
CA LYS A 285 6.17 -5.13 18.38
C LYS A 285 4.66 -5.41 18.27
N PRO A 286 3.85 -4.78 19.14
CA PRO A 286 2.39 -4.86 18.98
C PRO A 286 1.92 -4.29 17.65
N GLY A 287 0.95 -4.95 17.02
CA GLY A 287 0.47 -4.56 15.70
C GLY A 287 1.24 -5.18 14.54
N SER A 288 2.27 -5.96 14.85
CA SER A 288 3.07 -6.63 13.81
C SER A 288 2.30 -7.75 13.13
N VAL A 289 2.71 -8.08 11.91
CA VAL A 289 2.05 -9.10 11.12
C VAL A 289 3.07 -10.15 10.65
N ILE A 290 2.73 -11.42 10.82
CA ILE A 290 3.48 -12.51 10.21
C ILE A 290 2.61 -13.13 9.12
N ILE A 291 3.16 -13.25 7.92
CA ILE A 291 2.49 -13.96 6.81
C ILE A 291 3.21 -15.30 6.60
N ASP A 292 2.57 -16.38 7.02
CA ASP A 292 3.15 -17.73 6.91
C ASP A 292 2.70 -18.41 5.62
N LEU A 293 3.47 -18.22 4.55
CA LEU A 293 3.16 -18.83 3.25
C LEU A 293 3.41 -20.34 3.21
N ALA A 294 4.08 -20.88 4.24
CA ALA A 294 4.34 -22.31 4.36
C ALA A 294 3.34 -23.05 5.28
N VAL A 295 2.20 -22.41 5.57
CA VAL A 295 1.24 -22.93 6.56
C VAL A 295 0.65 -24.30 6.21
N GLU A 296 0.41 -24.55 4.92
CA GLU A 296 -0.12 -25.84 4.46
C GLU A 296 0.89 -26.98 4.67
N ALA A 297 2.19 -26.64 4.63
CA ALA A 297 3.27 -27.61 4.88
C ALA A 297 3.68 -27.69 6.35
N GLY A 298 2.84 -27.18 7.26
CA GLY A 298 3.13 -27.19 8.69
C GLY A 298 3.47 -25.81 9.24
N GLY A 299 3.93 -24.92 8.37
CA GLY A 299 4.21 -23.54 8.75
C GLY A 299 5.63 -23.30 9.21
N ASN A 300 6.13 -22.10 8.95
CA ASN A 300 7.39 -21.62 9.52
C ASN A 300 7.18 -21.02 10.91
N CYS A 301 5.91 -20.82 11.28
CA CYS A 301 5.55 -20.35 12.60
C CYS A 301 4.52 -21.30 13.20
N PRO A 302 4.81 -21.89 14.39
CA PRO A 302 3.90 -22.86 15.01
C PRO A 302 2.51 -22.31 15.39
N LEU A 303 2.39 -20.99 15.52
CA LEU A 303 1.14 -20.35 15.88
C LEU A 303 0.19 -20.14 14.70
N SER A 304 0.66 -20.35 13.48
CA SER A 304 -0.20 -20.20 12.30
C SER A 304 -1.14 -21.40 12.18
N GLU A 305 -2.34 -21.14 11.66
CA GLU A 305 -3.34 -22.17 11.46
C GLU A 305 -3.95 -22.00 10.07
N PRO A 306 -4.04 -23.09 9.28
CA PRO A 306 -4.55 -23.01 7.90
C PRO A 306 -5.93 -22.36 7.76
N GLY A 307 -6.01 -21.32 6.93
CA GLY A 307 -7.26 -20.66 6.62
C GLY A 307 -7.72 -19.68 7.70
N LYS A 308 -6.82 -19.32 8.61
CA LYS A 308 -7.15 -18.46 9.73
C LYS A 308 -6.12 -17.35 9.93
N ILE A 309 -6.57 -16.26 10.54
CA ILE A 309 -5.69 -15.24 11.09
C ILE A 309 -5.74 -15.39 12.61
N VAL A 310 -4.58 -15.72 13.19
CA VAL A 310 -4.45 -15.95 14.62
C VAL A 310 -3.84 -14.70 15.23
N VAL A 311 -4.41 -14.24 16.35
CA VAL A 311 -3.86 -13.11 17.08
C VAL A 311 -3.35 -13.58 18.45
N LYS A 312 -2.06 -13.39 18.68
CA LYS A 312 -1.45 -13.75 19.95
C LYS A 312 -0.23 -12.86 20.22
N HIS A 313 -0.10 -12.42 21.47
CA HIS A 313 1.00 -11.56 21.92
C HIS A 313 1.05 -10.20 21.20
N GLY A 314 -0.11 -9.71 20.79
CA GLY A 314 -0.21 -8.46 20.02
C GLY A 314 0.13 -8.58 18.53
N VAL A 315 0.32 -9.81 18.04
CA VAL A 315 0.80 -10.06 16.69
C VAL A 315 -0.24 -10.85 15.90
N LYS A 316 -0.54 -10.38 14.69
CA LYS A 316 -1.38 -11.13 13.76
C LYS A 316 -0.53 -12.17 13.03
N ILE A 317 -0.91 -13.44 13.11
CA ILE A 317 -0.26 -14.49 12.33
C ILE A 317 -1.24 -14.98 11.26
N VAL A 318 -0.95 -14.62 10.02
CA VAL A 318 -1.85 -14.86 8.88
C VAL A 318 -1.41 -16.14 8.17
N GLY A 319 -2.37 -17.04 7.94
CA GLY A 319 -2.10 -18.34 7.33
C GLY A 319 -3.17 -18.76 6.34
N HIS A 320 -3.42 -17.90 5.36
CA HIS A 320 -4.38 -18.21 4.30
C HIS A 320 -3.95 -19.46 3.53
N THR A 321 -4.93 -20.29 3.20
CA THR A 321 -4.71 -21.44 2.33
C THR A 321 -4.79 -20.95 0.89
N ASN A 322 -4.16 -21.70 -0.01
CA ASN A 322 -4.29 -21.48 -1.45
C ASN A 322 -4.12 -20.00 -1.82
N VAL A 323 -2.95 -19.47 -1.50
CA VAL A 323 -2.63 -18.07 -1.76
C VAL A 323 -2.63 -17.71 -3.27
N PRO A 324 -2.13 -18.60 -4.15
CA PRO A 324 -2.31 -18.36 -5.59
C PRO A 324 -3.74 -18.04 -6.04
N SER A 325 -4.74 -18.68 -5.43
CA SER A 325 -6.15 -18.43 -5.74
C SER A 325 -6.66 -17.06 -5.24
N ARG A 326 -5.91 -16.43 -4.34
CA ARG A 326 -6.17 -15.05 -3.95
C ARG A 326 -5.75 -14.05 -5.06
N VAL A 327 -5.06 -14.55 -6.09
CA VAL A 327 -4.73 -13.80 -7.30
C VAL A 327 -5.21 -14.60 -8.54
N ALA A 328 -6.47 -15.04 -8.50
CA ALA A 328 -6.96 -16.06 -9.43
C ALA A 328 -7.00 -15.62 -10.89
N ALA A 329 -7.22 -14.34 -11.14
CA ALA A 329 -7.34 -13.83 -12.51
C ALA A 329 -5.99 -13.62 -13.20
N ASP A 330 -4.90 -13.57 -12.42
CA ASP A 330 -3.54 -13.67 -12.97
C ASP A 330 -3.02 -15.09 -12.93
N ALA A 331 -3.34 -15.82 -11.88
CA ALA A 331 -2.87 -17.20 -11.69
C ALA A 331 -3.38 -18.13 -12.80
N SER A 332 -4.64 -17.98 -13.17
CA SER A 332 -5.29 -18.82 -14.17
C SER A 332 -4.67 -18.75 -15.59
N PRO A 333 -4.55 -17.55 -16.18
CA PRO A 333 -3.87 -17.52 -17.48
C PRO A 333 -2.43 -18.05 -17.47
N LEU A 334 -1.71 -17.86 -16.36
CA LEU A 334 -0.35 -18.41 -16.22
C LEU A 334 -0.35 -19.93 -16.06
N PHE A 335 -1.31 -20.45 -15.30
CA PHE A 335 -1.47 -21.90 -15.12
C PHE A 335 -1.86 -22.59 -16.43
N ALA A 336 -2.76 -21.96 -17.18
CA ALA A 336 -3.18 -22.47 -18.49
C ALA A 336 -2.05 -22.48 -19.51
N LYS A 337 -1.17 -21.49 -19.42
CA LYS A 337 -0.02 -21.40 -20.31
C LYS A 337 1.07 -22.41 -19.94
N ASN A 338 1.22 -22.70 -18.65
CA ASN A 338 2.09 -23.79 -18.19
C ASN A 338 1.66 -25.13 -18.80
N LEU A 339 0.36 -25.38 -18.77
CA LEU A 339 -0.22 -26.59 -19.36
C LEU A 339 -0.04 -26.64 -20.87
N LEU A 340 -0.25 -25.52 -21.54
CA LEU A 340 -0.09 -25.41 -22.99
C LEU A 340 1.35 -25.71 -23.42
N ASN A 341 2.31 -25.10 -22.73
CA ASN A 341 3.74 -25.30 -23.03
C ASN A 341 4.21 -26.73 -22.81
N PHE A 342 3.61 -27.43 -21.86
CA PHE A 342 3.94 -28.83 -21.60
C PHE A 342 3.34 -29.76 -22.65
N LEU A 343 2.14 -29.43 -23.12
CA LEU A 343 1.40 -30.28 -24.07
C LEU A 343 1.79 -30.05 -25.54
N THR A 344 2.19 -28.84 -25.89
CA THR A 344 2.42 -28.44 -27.29
C THR A 344 3.49 -29.25 -28.06
N PRO A 345 4.65 -29.55 -27.44
CA PRO A 345 5.66 -30.34 -28.15
C PRO A 345 5.30 -31.80 -28.47
N HIS A 346 4.10 -32.24 -28.07
CA HIS A 346 3.66 -33.62 -28.28
C HIS A 346 2.41 -33.76 -29.16
N VAL A 347 1.91 -32.66 -29.71
CA VAL A 347 0.73 -32.68 -30.57
C VAL A 347 1.14 -33.01 -32.00
N ASP A 348 0.64 -34.14 -32.51
CA ASP A 348 0.96 -34.60 -33.86
C ASP A 348 -0.11 -34.11 -34.84
N LYS A 349 0.01 -32.84 -35.24
CA LYS A 349 -0.87 -32.27 -36.26
C LYS A 349 -0.50 -32.87 -37.63
N ASP A 350 -1.49 -32.93 -38.52
CA ASP A 350 -1.46 -33.72 -39.78
C ASP A 350 -1.83 -35.19 -39.52
N THR A 351 -1.94 -35.54 -38.24
CA THR A 351 -2.54 -36.77 -37.75
C THR A 351 -3.60 -36.47 -36.66
N LYS A 352 -3.65 -35.21 -36.21
CA LYS A 352 -4.46 -34.73 -35.08
C LYS A 352 -4.65 -35.71 -33.91
N THR A 353 -3.51 -36.17 -33.39
CA THR A 353 -3.48 -37.02 -32.20
C THR A 353 -2.39 -36.54 -31.24
N LEU A 354 -2.48 -37.00 -29.98
CA LEU A 354 -1.54 -36.60 -28.93
C LEU A 354 -0.60 -37.76 -28.63
N VAL A 355 0.66 -37.65 -29.08
CA VAL A 355 1.67 -38.66 -28.80
C VAL A 355 2.71 -38.09 -27.83
N MET A 356 2.55 -38.39 -26.55
CA MET A 356 3.47 -37.95 -25.51
C MET A 356 4.75 -38.79 -25.53
N LYS A 357 5.80 -38.23 -26.13
CA LYS A 357 7.14 -38.83 -26.15
C LYS A 357 7.58 -39.32 -24.76
N LEU A 358 7.77 -40.64 -24.65
CA LEU A 358 8.17 -41.28 -23.40
C LEU A 358 9.65 -40.98 -23.08
N GLU A 359 10.43 -40.68 -24.11
CA GLU A 359 11.85 -40.32 -23.95
C GLU A 359 12.06 -38.93 -23.35
N ASP A 360 11.04 -38.08 -23.39
CA ASP A 360 11.10 -36.74 -22.84
C ASP A 360 11.17 -36.77 -21.30
N GLU A 361 12.09 -35.99 -20.74
CA GLU A 361 12.25 -35.89 -19.27
C GLU A 361 11.01 -35.34 -18.57
N THR A 362 10.34 -34.40 -19.23
CA THR A 362 9.16 -33.75 -18.66
C THR A 362 7.95 -34.70 -18.64
N VAL A 363 7.89 -35.62 -19.60
CA VAL A 363 6.81 -36.61 -19.65
C VAL A 363 7.03 -37.73 -18.66
N SER A 364 8.25 -38.28 -18.64
CA SER A 364 8.61 -39.36 -17.72
C SER A 364 8.65 -38.91 -16.26
N GLY A 365 9.03 -37.66 -16.04
CA GLY A 365 9.10 -37.09 -14.70
C GLY A 365 7.75 -36.80 -14.06
N THR A 366 6.76 -36.46 -14.89
CA THR A 366 5.42 -36.06 -14.41
C THR A 366 4.36 -37.17 -14.49
N CYS A 367 4.53 -38.13 -15.40
CA CYS A 367 3.55 -39.21 -15.57
C CYS A 367 3.52 -40.14 -14.36
N VAL A 368 2.33 -40.27 -13.75
CA VAL A 368 2.14 -41.08 -12.54
C VAL A 368 1.49 -42.43 -12.89
N THR A 369 0.54 -42.41 -13.82
CA THR A 369 -0.10 -43.64 -14.28
C THR A 369 -0.58 -43.48 -15.73
N ARG A 370 -0.60 -44.60 -16.47
CA ARG A 370 -1.16 -44.62 -17.83
C ARG A 370 -1.71 -46.00 -18.18
N ASP A 371 -2.85 -46.01 -18.88
CA ASP A 371 -3.48 -47.22 -19.40
C ASP A 371 -3.71 -48.31 -18.34
N GLY A 372 -4.11 -47.89 -17.14
CA GLY A 372 -4.42 -48.81 -16.06
C GLY A 372 -3.26 -49.32 -15.23
N ALA A 373 -2.07 -48.75 -15.44
CA ALA A 373 -0.86 -49.17 -14.74
C ALA A 373 -0.07 -47.97 -14.19
N ILE A 374 0.29 -48.04 -12.91
CA ILE A 374 1.04 -46.97 -12.25
C ILE A 374 2.50 -46.99 -12.71
N VAL A 375 2.96 -45.86 -13.25
CA VAL A 375 4.27 -45.75 -13.89
C VAL A 375 5.34 -45.18 -12.96
N HIS A 376 5.00 -44.09 -12.27
CA HIS A 376 5.99 -43.36 -11.46
C HIS A 376 6.42 -44.16 -10.23
N PRO A 377 7.74 -44.26 -10.00
CA PRO A 377 8.25 -44.93 -8.79
C PRO A 377 7.97 -44.13 -7.52
N ALA A 378 6.89 -44.50 -6.83
CA ALA A 378 6.51 -43.87 -5.58
C ALA A 378 5.74 -44.86 -4.70
N MET B 1 -1.61 22.26 34.74
CA MET B 1 -2.95 21.79 34.28
C MET B 1 -2.93 20.30 33.96
N LYS B 2 -4.11 19.70 33.98
CA LYS B 2 -4.27 18.30 33.60
C LYS B 2 -4.91 18.20 32.23
N ILE B 3 -4.30 17.40 31.35
CA ILE B 3 -4.86 17.13 30.03
C ILE B 3 -5.21 15.64 29.97
N ALA B 4 -6.41 15.33 29.49
CA ALA B 4 -6.90 13.95 29.46
C ALA B 4 -7.29 13.48 28.06
N ILE B 5 -7.02 12.20 27.79
CA ILE B 5 -7.34 11.56 26.51
C ILE B 5 -8.05 10.24 26.78
N PRO B 6 -9.34 10.14 26.39
CA PRO B 6 -10.06 8.89 26.63
C PRO B 6 -9.93 7.93 25.45
N LYS B 7 -10.47 6.73 25.64
CA LYS B 7 -10.64 5.78 24.54
C LYS B 7 -11.80 6.26 23.67
N GLU B 8 -11.67 6.07 22.36
CA GLU B 8 -12.75 6.39 21.43
C GLU B 8 -13.84 5.35 21.53
N ARG B 9 -15.08 5.81 21.74
CA ARG B 9 -16.22 4.93 22.02
C ARG B 9 -17.08 4.57 20.81
N ARG B 10 -17.00 5.39 19.76
CA ARG B 10 -17.79 5.14 18.57
C ARG B 10 -17.35 3.83 17.88
N PRO B 11 -18.33 3.05 17.38
CA PRO B 11 -18.01 1.77 16.73
C PRO B 11 -16.98 1.89 15.61
N GLY B 12 -16.00 0.99 15.60
CA GLY B 12 -14.98 0.95 14.56
C GLY B 12 -13.84 1.96 14.69
N GLU B 13 -13.93 2.88 15.64
CA GLU B 13 -12.91 3.90 15.82
C GLU B 13 -11.74 3.36 16.64
N ASP B 14 -10.61 3.13 15.98
CA ASP B 14 -9.42 2.56 16.62
C ASP B 14 -8.33 3.60 16.88
N ARG B 15 -8.51 4.82 16.39
CA ARG B 15 -7.55 5.88 16.64
C ARG B 15 -7.66 6.39 18.08
N VAL B 16 -6.63 7.12 18.48
CA VAL B 16 -6.56 7.75 19.78
C VAL B 16 -5.88 9.11 19.58
N ALA B 17 -6.25 10.09 20.39
CA ALA B 17 -5.71 11.45 20.25
C ALA B 17 -4.44 11.64 21.09
N ILE B 18 -3.54 10.68 21.02
CA ILE B 18 -2.27 10.75 21.75
C ILE B 18 -1.23 9.83 21.11
N SER B 19 0.03 10.13 21.38
CA SER B 19 1.15 9.26 21.08
C SER B 19 2.21 9.46 22.16
N PRO B 20 3.09 8.47 22.37
CA PRO B 20 4.19 8.61 23.34
C PRO B 20 5.09 9.83 23.13
N GLU B 21 5.36 10.18 21.87
CA GLU B 21 6.13 11.40 21.57
C GLU B 21 5.41 12.67 22.03
N VAL B 22 4.10 12.72 21.82
CA VAL B 22 3.31 13.90 22.18
C VAL B 22 3.11 14.01 23.69
N VAL B 23 3.00 12.87 24.38
CA VAL B 23 3.00 12.83 25.85
C VAL B 23 4.25 13.53 26.37
N LYS B 24 5.40 13.13 25.83
CA LYS B 24 6.71 13.68 26.20
C LYS B 24 6.74 15.21 26.06
N LYS B 25 6.24 15.71 24.93
CA LYS B 25 6.17 17.15 24.69
C LYS B 25 5.20 17.87 25.62
N LEU B 26 4.07 17.24 25.94
CA LEU B 26 3.05 17.83 26.81
C LEU B 26 3.53 17.96 28.27
N VAL B 27 4.22 16.93 28.76
CA VAL B 27 4.81 16.98 30.11
C VAL B 27 5.88 18.07 30.17
N GLY B 28 6.68 18.17 29.12
CA GLY B 28 7.68 19.24 28.97
C GLY B 28 7.10 20.64 28.98
N LEU B 29 5.85 20.78 28.53
CA LEU B 29 5.10 22.05 28.62
C LEU B 29 4.44 22.29 29.99
N GLY B 30 4.55 21.32 30.91
CA GLY B 30 4.07 21.48 32.29
C GLY B 30 2.71 20.85 32.56
N PHE B 31 2.21 20.06 31.62
CA PHE B 31 0.92 19.37 31.79
C PHE B 31 1.10 18.07 32.57
N GLU B 32 0.09 17.72 33.35
CA GLU B 32 -0.11 16.35 33.80
C GLU B 32 -0.92 15.67 32.71
N VAL B 33 -0.41 14.57 32.17
CA VAL B 33 -1.06 13.86 31.07
C VAL B 33 -1.71 12.59 31.61
N ILE B 34 -3.04 12.50 31.44
CA ILE B 34 -3.83 11.36 31.89
C ILE B 34 -4.43 10.68 30.67
N VAL B 35 -4.25 9.37 30.55
CA VAL B 35 -4.85 8.61 29.47
C VAL B 35 -5.68 7.46 30.05
N GLU B 36 -6.86 7.23 29.46
CA GLU B 36 -7.70 6.12 29.86
C GLU B 36 -7.06 4.78 29.51
N GLN B 37 -7.23 3.81 30.41
CA GLN B 37 -6.77 2.44 30.24
C GLN B 37 -7.19 1.84 28.89
N GLY B 38 -6.22 1.40 28.10
CA GLY B 38 -6.48 0.72 26.85
C GLY B 38 -6.91 1.61 25.69
N ALA B 39 -6.74 2.92 25.84
CA ALA B 39 -7.17 3.89 24.82
C ALA B 39 -6.37 3.78 23.51
N GLY B 40 -5.09 3.42 23.63
CA GLY B 40 -4.21 3.32 22.46
C GLY B 40 -4.06 1.93 21.85
N VAL B 41 -4.85 0.96 22.30
CA VAL B 41 -4.68 -0.44 21.88
C VAL B 41 -4.94 -0.65 20.38
N GLY B 42 -5.98 -0.01 19.85
CA GLY B 42 -6.28 -0.04 18.43
C GLY B 42 -5.23 0.65 17.57
N ALA B 43 -4.52 1.60 18.18
CA ALA B 43 -3.44 2.33 17.51
C ALA B 43 -2.05 1.74 17.83
N SER B 44 -2.01 0.52 18.35
CA SER B 44 -0.77 -0.17 18.73
C SER B 44 0.07 0.59 19.75
N ILE B 45 -0.59 1.31 20.66
CA ILE B 45 0.06 2.08 21.71
C ILE B 45 -0.35 1.49 23.06
N THR B 46 0.59 0.84 23.74
CA THR B 46 0.26 0.18 25.01
C THR B 46 0.24 1.20 26.14
N ASP B 47 -0.40 0.81 27.25
CA ASP B 47 -0.38 1.60 28.48
C ASP B 47 1.05 1.82 28.98
N ASP B 48 1.88 0.77 28.88
CA ASP B 48 3.28 0.85 29.28
C ASP B 48 4.09 1.87 28.46
N ALA B 49 3.80 1.97 27.16
CA ALA B 49 4.48 2.94 26.28
C ALA B 49 4.18 4.39 26.66
N LEU B 50 2.95 4.65 27.12
CA LEU B 50 2.54 5.98 27.60
C LEU B 50 2.98 6.30 29.03
N THR B 51 3.04 5.29 29.90
CA THR B 51 3.60 5.51 31.24
C THR B 51 5.10 5.82 31.13
N ALA B 52 5.78 5.06 30.27
CA ALA B 52 7.20 5.33 29.97
C ALA B 52 7.44 6.74 29.45
N ALA B 53 6.49 7.28 28.69
CA ALA B 53 6.58 8.63 28.14
C ALA B 53 6.20 9.72 29.15
N GLY B 54 5.67 9.32 30.31
CA GLY B 54 5.34 10.25 31.40
C GLY B 54 3.86 10.44 31.70
N ALA B 55 3.00 9.60 31.15
CA ALA B 55 1.55 9.73 31.37
C ALA B 55 1.04 8.88 32.53
N THR B 56 0.00 9.36 33.21
CA THR B 56 -0.74 8.61 34.21
C THR B 56 -1.86 7.86 33.50
N ILE B 57 -2.18 6.66 34.00
CA ILE B 57 -3.28 5.85 33.47
C ILE B 57 -4.46 5.86 34.43
N ALA B 58 -5.64 6.18 33.89
CA ALA B 58 -6.90 6.12 34.64
C ALA B 58 -7.66 4.87 34.21
N SER B 59 -8.31 4.20 35.16
CA SER B 59 -8.97 2.92 34.89
C SER B 59 -10.29 3.04 34.12
N THR B 60 -10.96 4.19 34.22
CA THR B 60 -12.20 4.44 33.47
C THR B 60 -12.14 5.80 32.79
N ALA B 61 -13.08 6.00 31.86
CA ALA B 61 -13.22 7.26 31.14
C ALA B 61 -13.59 8.41 32.06
N ALA B 62 -14.53 8.17 32.97
CA ALA B 62 -14.96 9.18 33.95
C ALA B 62 -13.82 9.67 34.81
N GLN B 63 -12.96 8.76 35.24
CA GLN B 63 -11.80 9.09 36.08
C GLN B 63 -10.72 9.86 35.32
N ALA B 64 -10.53 9.52 34.05
CA ALA B 64 -9.58 10.23 33.19
C ALA B 64 -9.99 11.69 33.00
N LEU B 65 -11.28 11.92 32.76
CA LEU B 65 -11.80 13.25 32.41
C LEU B 65 -12.24 14.08 33.62
N SER B 66 -12.28 13.47 34.80
CA SER B 66 -12.88 14.10 35.99
C SER B 66 -12.29 15.46 36.33
N GLN B 67 -10.97 15.54 36.36
CA GLN B 67 -10.26 16.76 36.79
C GLN B 67 -9.44 17.39 35.65
N ALA B 68 -9.76 17.03 34.41
CA ALA B 68 -9.02 17.51 33.25
C ALA B 68 -9.44 18.92 32.84
N ASP B 69 -8.45 19.80 32.70
CA ASP B 69 -8.67 21.18 32.26
C ASP B 69 -8.72 21.24 30.75
N VAL B 70 -8.00 20.32 30.11
CA VAL B 70 -8.03 20.15 28.67
C VAL B 70 -8.37 18.70 28.36
N VAL B 71 -9.21 18.50 27.35
CA VAL B 71 -9.55 17.18 26.87
C VAL B 71 -9.24 17.10 25.38
N TRP B 72 -8.53 16.04 24.99
CA TRP B 72 -8.24 15.75 23.59
C TRP B 72 -8.94 14.46 23.19
N LYS B 73 -9.69 14.52 22.08
CA LYS B 73 -10.36 13.37 21.50
C LYS B 73 -10.15 13.37 20.00
N VAL B 74 -10.42 12.22 19.38
CA VAL B 74 -10.48 12.11 17.93
C VAL B 74 -11.87 12.53 17.42
N GLN B 75 -12.90 11.73 17.70
CA GLN B 75 -14.24 12.04 17.22
C GLN B 75 -15.03 12.81 18.27
N ARG B 76 -16.13 13.41 17.85
CA ARG B 76 -16.94 14.22 18.73
C ARG B 76 -17.44 13.37 19.91
N PRO B 77 -17.57 13.98 21.10
CA PRO B 77 -18.11 13.20 22.20
C PRO B 77 -19.56 12.82 21.95
N MET B 78 -19.95 11.64 22.43
CA MET B 78 -21.33 11.19 22.31
C MET B 78 -22.22 11.92 23.32
N THR B 79 -23.48 12.09 22.96
CA THR B 79 -24.45 12.76 23.81
C THR B 79 -25.41 11.76 24.47
N ALA B 80 -26.21 12.25 25.41
CA ALA B 80 -27.27 11.47 26.03
C ALA B 80 -28.30 11.01 24.99
N GLU B 81 -28.51 11.84 23.97
CA GLU B 81 -29.42 11.52 22.87
C GLU B 81 -28.92 10.34 22.02
N GLU B 82 -27.61 10.12 22.02
CA GLU B 82 -27.00 8.95 21.39
C GLU B 82 -26.87 7.75 22.33
N GLY B 83 -27.30 7.91 23.58
CA GLY B 83 -27.35 6.81 24.54
C GLY B 83 -26.19 6.74 25.53
N THR B 84 -25.12 7.49 25.27
CA THR B 84 -23.94 7.52 26.13
C THR B 84 -23.45 8.96 26.27
N ASP B 85 -23.68 9.54 27.44
CA ASP B 85 -23.41 10.97 27.66
C ASP B 85 -21.94 11.21 28.01
N GLU B 86 -21.11 11.35 26.98
CA GLU B 86 -19.69 11.61 27.15
C GLU B 86 -19.39 13.06 27.52
N VAL B 87 -20.25 13.99 27.11
CA VAL B 87 -20.00 15.40 27.40
C VAL B 87 -20.14 15.67 28.89
N ALA B 88 -20.99 14.89 29.57
CA ALA B 88 -21.17 15.00 31.02
C ALA B 88 -19.94 14.58 31.82
N LEU B 89 -19.14 13.67 31.26
CA LEU B 89 -17.86 13.27 31.84
C LEU B 89 -16.82 14.39 31.84
N ILE B 90 -16.96 15.35 30.92
CA ILE B 90 -16.00 16.44 30.80
C ILE B 90 -16.29 17.51 31.84
N LYS B 91 -15.24 17.97 32.51
CA LYS B 91 -15.34 18.96 33.58
C LYS B 91 -15.91 20.29 33.06
N GLU B 92 -16.74 20.92 33.88
CA GLU B 92 -17.33 22.22 33.57
C GLU B 92 -16.23 23.27 33.41
N GLY B 93 -16.34 24.09 32.36
CA GLY B 93 -15.36 25.14 32.09
C GLY B 93 -14.09 24.70 31.35
N ALA B 94 -13.93 23.39 31.15
CA ALA B 94 -12.72 22.84 30.54
C ALA B 94 -12.65 23.12 29.03
N VAL B 95 -11.50 22.79 28.44
CA VAL B 95 -11.24 22.99 27.02
C VAL B 95 -11.25 21.64 26.29
N LEU B 96 -12.06 21.53 25.24
CA LEU B 96 -12.11 20.33 24.39
C LEU B 96 -11.56 20.62 23.01
N MET B 97 -10.64 19.77 22.55
CA MET B 97 -10.13 19.83 21.18
C MET B 97 -10.32 18.48 20.52
N CYS B 98 -11.04 18.47 19.40
CA CYS B 98 -11.27 17.24 18.64
C CYS B 98 -11.84 17.54 17.26
N HIS B 99 -12.03 16.48 16.48
CA HIS B 99 -12.82 16.54 15.26
C HIS B 99 -14.28 16.52 15.66
N LEU B 100 -14.92 17.69 15.64
CA LEU B 100 -16.28 17.83 16.15
C LEU B 100 -17.37 17.53 15.14
N GLY B 101 -17.17 17.95 13.90
CA GLY B 101 -18.26 18.02 12.92
C GLY B 101 -19.28 19.06 13.35
N ALA B 102 -18.77 20.17 13.90
CA ALA B 102 -19.61 21.19 14.53
C ALA B 102 -20.69 21.79 13.62
N LEU B 103 -20.34 22.00 12.35
CA LEU B 103 -21.28 22.59 11.40
C LEU B 103 -22.38 21.63 10.93
N THR B 104 -22.25 20.34 11.24
CA THR B 104 -23.27 19.34 10.94
C THR B 104 -23.81 18.61 12.19
N ASN B 105 -23.34 18.98 13.38
CA ASN B 105 -23.77 18.34 14.62
C ASN B 105 -23.99 19.40 15.70
N ARG B 106 -25.06 20.17 15.57
CA ARG B 106 -25.36 21.22 16.54
C ARG B 106 -25.74 20.71 17.95
N PRO B 107 -26.44 19.56 18.05
CA PRO B 107 -26.72 18.99 19.38
C PRO B 107 -25.50 18.80 20.31
N VAL B 108 -24.36 18.33 19.78
CA VAL B 108 -23.16 18.18 20.62
C VAL B 108 -22.60 19.56 21.00
N VAL B 109 -22.71 20.51 20.08
CA VAL B 109 -22.27 21.88 20.33
C VAL B 109 -23.11 22.51 21.46
N GLU B 110 -24.42 22.27 21.43
CA GLU B 110 -25.32 22.74 22.48
C GLU B 110 -25.07 22.04 23.82
N ALA B 111 -24.80 20.75 23.77
CA ALA B 111 -24.53 19.96 24.97
C ALA B 111 -23.22 20.37 25.66
N LEU B 112 -22.22 20.78 24.88
CA LEU B 112 -20.97 21.32 25.43
C LEU B 112 -21.18 22.73 26.00
N THR B 113 -22.06 23.50 25.37
CA THR B 113 -22.39 24.86 25.80
C THR B 113 -23.07 24.87 27.18
N LYS B 114 -23.94 23.89 27.43
CA LYS B 114 -24.61 23.75 28.74
C LYS B 114 -23.63 23.56 29.89
N ARG B 115 -22.48 22.94 29.62
CA ARG B 115 -21.43 22.73 30.63
C ARG B 115 -20.32 23.79 30.54
N LYS B 116 -20.58 24.91 29.86
CA LYS B 116 -19.61 25.99 29.71
C LYS B 116 -18.23 25.54 29.19
N ILE B 117 -18.23 24.49 28.37
CA ILE B 117 -17.00 23.91 27.84
C ILE B 117 -16.57 24.72 26.63
N THR B 118 -15.30 25.09 26.57
CA THR B 118 -14.74 25.73 25.39
C THR B 118 -14.31 24.65 24.40
N ALA B 119 -14.99 24.57 23.26
CA ALA B 119 -14.72 23.55 22.25
C ALA B 119 -14.05 24.16 21.02
N TYR B 120 -12.95 23.53 20.58
CA TYR B 120 -12.27 23.89 19.33
C TYR B 120 -12.46 22.77 18.31
N ALA B 121 -13.14 23.10 17.22
CA ALA B 121 -13.39 22.16 16.14
C ALA B 121 -12.21 22.14 15.18
N MET B 122 -11.39 21.08 15.27
CA MET B 122 -10.14 21.00 14.51
C MET B 122 -10.32 20.95 12.99
N GLU B 123 -11.48 20.48 12.54
CA GLU B 123 -11.80 20.45 11.11
C GLU B 123 -11.96 21.85 10.51
N LEU B 124 -12.22 22.85 11.36
CA LEU B 124 -12.38 24.24 10.92
C LEU B 124 -11.07 25.04 10.92
N MET B 125 -9.94 24.36 11.04
CA MET B 125 -8.62 24.99 10.93
C MET B 125 -8.52 25.77 9.62
N PRO B 126 -8.13 27.07 9.70
CA PRO B 126 -8.08 27.88 8.49
C PRO B 126 -7.00 27.39 7.52
N ARG B 127 -7.24 27.54 6.22
CA ARG B 127 -6.30 27.09 5.22
C ARG B 127 -5.21 28.13 5.00
N ILE B 128 -4.33 28.25 5.99
CA ILE B 128 -3.18 29.14 5.93
C ILE B 128 -1.90 28.31 6.11
N SER B 129 -0.80 28.79 5.55
CA SER B 129 0.43 28.00 5.46
C SER B 129 0.99 27.57 6.82
N ARG B 130 0.91 28.47 7.81
CA ARG B 130 1.42 28.17 9.15
C ARG B 130 0.53 27.20 9.95
N ALA B 131 -0.69 26.97 9.49
CA ALA B 131 -1.61 26.03 10.14
C ALA B 131 -1.66 24.66 9.43
N GLN B 132 -0.81 24.46 8.42
CA GLN B 132 -0.71 23.17 7.74
C GLN B 132 -0.34 22.05 8.71
N SER B 133 0.53 22.36 9.67
CA SER B 133 0.94 21.42 10.70
C SER B 133 -0.17 21.07 11.72
N MET B 134 -1.27 21.83 11.70
CA MET B 134 -2.41 21.64 12.59
C MET B 134 -3.64 21.04 11.88
N ASN B 135 -3.53 20.82 10.57
CA ASN B 135 -4.66 20.41 9.76
C ASN B 135 -4.91 18.89 9.83
N ILE B 136 -5.98 18.51 10.53
CA ILE B 136 -6.38 17.10 10.66
C ILE B 136 -7.05 16.56 9.41
N LEU B 137 -7.65 17.43 8.61
CA LEU B 137 -8.30 16.99 7.38
C LEU B 137 -7.26 16.42 6.42
N SER B 138 -6.12 17.09 6.29
CA SER B 138 -5.10 16.65 5.35
C SER B 138 -4.28 15.45 5.86
N SER B 139 -4.00 15.38 7.16
CA SER B 139 -3.19 14.28 7.71
C SER B 139 -3.94 12.95 7.65
N GLN B 140 -5.24 12.99 7.92
CA GLN B 140 -6.07 11.78 7.94
C GLN B 140 -6.49 11.35 6.53
N SER B 141 -6.86 12.30 5.68
CA SER B 141 -7.28 11.96 4.31
C SER B 141 -6.13 11.49 3.43
N ASN B 142 -4.90 11.90 3.76
CA ASN B 142 -3.71 11.41 3.07
C ASN B 142 -3.52 9.91 3.28
N LEU B 143 -3.68 9.46 4.52
CA LEU B 143 -3.58 8.03 4.84
C LEU B 143 -4.76 7.25 4.24
N ALA B 144 -5.94 7.88 4.21
CA ALA B 144 -7.10 7.30 3.54
C ALA B 144 -6.87 7.07 2.04
N GLY B 145 -6.12 7.98 1.41
CA GLY B 145 -5.76 7.83 0.00
C GLY B 145 -4.82 6.66 -0.24
N TYR B 146 -3.82 6.53 0.63
CA TYR B 146 -2.93 5.37 0.63
C TYR B 146 -3.72 4.08 0.83
N ARG B 147 -4.55 4.08 1.87
CA ARG B 147 -5.35 2.91 2.24
C ARG B 147 -6.35 2.45 1.17
N ALA B 148 -6.92 3.41 0.44
CA ALA B 148 -7.80 3.09 -0.69
C ALA B 148 -7.15 2.14 -1.69
N VAL B 149 -5.87 2.35 -1.95
CA VAL B 149 -5.12 1.53 -2.90
C VAL B 149 -4.86 0.14 -2.32
N ILE B 150 -4.49 0.09 -1.04
CA ILE B 150 -4.28 -1.17 -0.33
C ILE B 150 -5.55 -2.02 -0.30
N ASP B 151 -6.68 -1.38 0.02
CA ASP B 151 -7.97 -2.05 0.02
C ASP B 151 -8.35 -2.52 -1.38
N GLY B 152 -8.08 -1.68 -2.37
CA GLY B 152 -8.30 -2.03 -3.77
C GLY B 152 -7.48 -3.21 -4.23
N ALA B 153 -6.20 -3.22 -3.86
CA ALA B 153 -5.29 -4.31 -4.21
C ALA B 153 -5.68 -5.63 -3.54
N TYR B 154 -6.21 -5.52 -2.32
CA TYR B 154 -6.68 -6.68 -1.57
C TYR B 154 -7.93 -7.30 -2.20
N GLU B 155 -8.86 -6.46 -2.64
CA GLU B 155 -10.08 -6.95 -3.25
C GLU B 155 -9.92 -7.35 -4.72
N PHE B 156 -8.81 -6.96 -5.34
CA PHE B 156 -8.55 -7.27 -6.74
C PHE B 156 -7.90 -8.64 -6.89
N ALA B 157 -8.33 -9.38 -7.91
CA ALA B 157 -7.87 -10.75 -8.13
C ALA B 157 -6.68 -10.85 -9.10
N ARG B 158 -6.11 -9.71 -9.49
CA ARG B 158 -4.85 -9.70 -10.23
C ARG B 158 -3.83 -8.89 -9.45
N ALA B 159 -2.57 -9.02 -9.84
CA ALA B 159 -1.50 -8.25 -9.24
C ALA B 159 -1.45 -6.85 -9.87
N PHE B 160 -0.94 -5.89 -9.11
CA PHE B 160 -0.78 -4.52 -9.59
C PHE B 160 0.28 -4.36 -10.68
N PRO B 161 1.52 -4.85 -10.44
CA PRO B 161 2.55 -4.61 -11.45
C PRO B 161 2.50 -5.56 -12.63
N MET B 162 3.09 -5.14 -13.73
CA MET B 162 3.37 -6.03 -14.85
C MET B 162 4.41 -7.03 -14.39
N MET B 163 4.26 -8.29 -14.82
CA MET B 163 5.24 -9.32 -14.53
C MET B 163 5.60 -10.09 -15.79
N MET B 164 6.88 -10.03 -16.16
CA MET B 164 7.42 -10.80 -17.29
C MET B 164 8.03 -12.08 -16.78
N THR B 165 7.45 -13.21 -17.19
CA THR B 165 7.81 -14.51 -16.64
C THR B 165 8.04 -15.53 -17.75
N ALA B 166 8.67 -16.64 -17.39
CA ALA B 166 8.84 -17.77 -18.29
C ALA B 166 7.49 -18.42 -18.65
N ALA B 167 6.53 -18.33 -17.73
CA ALA B 167 5.18 -18.86 -17.95
C ALA B 167 4.33 -17.96 -18.86
N GLY B 168 4.73 -16.69 -19.00
CA GLY B 168 3.97 -15.72 -19.77
C GLY B 168 3.94 -14.39 -19.04
N THR B 169 3.29 -13.40 -19.65
CA THR B 169 3.27 -12.06 -19.11
C THR B 169 1.86 -11.71 -18.67
N VAL B 170 1.75 -11.24 -17.43
CA VAL B 170 0.49 -10.68 -16.94
C VAL B 170 0.61 -9.15 -16.95
N PRO B 171 -0.41 -8.47 -17.51
CA PRO B 171 -0.36 -7.01 -17.63
C PRO B 171 -0.44 -6.30 -16.27
N PRO B 172 -0.11 -5.01 -16.24
CA PRO B 172 -0.32 -4.25 -15.01
C PRO B 172 -1.80 -3.95 -14.80
N ALA B 173 -2.18 -3.58 -13.58
CA ALA B 173 -3.53 -3.12 -13.31
C ALA B 173 -3.67 -1.70 -13.84
N ARG B 174 -4.89 -1.33 -14.20
CA ARG B 174 -5.20 0.04 -14.63
C ARG B 174 -6.06 0.69 -13.55
N VAL B 175 -5.65 1.87 -13.10
CA VAL B 175 -6.31 2.55 -12.00
C VAL B 175 -6.81 3.90 -12.49
N LEU B 176 -8.03 4.26 -12.07
CA LEU B 176 -8.62 5.56 -12.40
C LEU B 176 -9.01 6.25 -11.08
N VAL B 177 -8.39 7.38 -10.80
CA VAL B 177 -8.64 8.12 -9.56
C VAL B 177 -9.54 9.31 -9.87
N PHE B 178 -10.74 9.32 -9.28
CA PHE B 178 -11.68 10.43 -9.43
C PHE B 178 -11.53 11.39 -8.25
N GLY B 179 -11.18 12.64 -8.53
CA GLY B 179 -10.97 13.66 -7.50
C GLY B 179 -9.53 13.66 -7.06
N VAL B 180 -8.83 14.78 -7.25
CA VAL B 180 -7.39 14.85 -7.01
C VAL B 180 -7.06 15.90 -5.95
N GLY B 181 -7.66 15.71 -4.77
CA GLY B 181 -7.24 16.41 -3.56
C GLY B 181 -6.13 15.61 -2.90
N VAL B 182 -5.96 15.80 -1.59
CA VAL B 182 -4.89 15.15 -0.83
C VAL B 182 -4.99 13.63 -0.95
N ALA B 183 -6.19 13.09 -0.70
CA ALA B 183 -6.45 11.65 -0.78
C ALA B 183 -6.21 11.08 -2.17
N GLY B 184 -6.67 11.80 -3.19
CA GLY B 184 -6.50 11.38 -4.57
C GLY B 184 -5.05 11.31 -5.02
N LEU B 185 -4.26 12.29 -4.59
CA LEU B 185 -2.85 12.35 -4.94
C LEU B 185 -2.05 11.19 -4.32
N GLN B 186 -2.33 10.87 -3.06
CA GLN B 186 -1.64 9.77 -2.40
C GLN B 186 -2.05 8.42 -2.98
N ALA B 187 -3.31 8.31 -3.43
CA ALA B 187 -3.78 7.13 -4.14
C ALA B 187 -3.05 6.97 -5.48
N ILE B 188 -2.87 8.08 -6.21
CA ILE B 188 -2.09 8.05 -7.44
C ILE B 188 -0.67 7.56 -7.16
N ALA B 189 -0.01 8.18 -6.18
CA ALA B 189 1.36 7.79 -5.77
C ALA B 189 1.48 6.31 -5.38
N THR B 190 0.53 5.82 -4.59
CA THR B 190 0.59 4.44 -4.09
C THR B 190 0.28 3.43 -5.18
N ALA B 191 -0.76 3.69 -5.97
CA ALA B 191 -1.09 2.87 -7.14
C ALA B 191 0.08 2.80 -8.12
N LYS B 192 0.70 3.96 -8.37
CA LYS B 192 1.83 4.08 -9.29
C LYS B 192 3.07 3.31 -8.83
N ARG B 193 3.47 3.48 -7.57
CA ARG B 193 4.66 2.77 -7.06
C ARG B 193 4.46 1.25 -7.03
N LEU B 194 3.21 0.81 -6.88
CA LEU B 194 2.86 -0.62 -6.99
C LEU B 194 2.89 -1.17 -8.42
N GLY B 195 3.03 -0.31 -9.43
CA GLY B 195 3.25 -0.74 -10.81
C GLY B 195 2.07 -0.56 -11.75
N ALA B 196 0.97 0.01 -11.25
CA ALA B 196 -0.23 0.19 -12.04
C ALA B 196 -0.09 1.36 -13.01
N VAL B 197 -0.79 1.27 -14.14
CA VAL B 197 -0.97 2.41 -15.03
C VAL B 197 -2.09 3.24 -14.43
N VAL B 198 -1.82 4.50 -14.11
CA VAL B 198 -2.74 5.33 -13.34
C VAL B 198 -3.28 6.50 -14.15
N MET B 199 -4.61 6.60 -14.24
CA MET B 199 -5.30 7.75 -14.82
C MET B 199 -5.98 8.52 -13.71
N ALA B 200 -6.22 9.80 -13.95
CA ALA B 200 -6.96 10.63 -13.00
C ALA B 200 -7.83 11.66 -13.72
N THR B 201 -8.92 12.04 -13.06
CA THR B 201 -9.76 13.14 -13.53
C THR B 201 -10.26 13.98 -12.35
N ASP B 202 -10.32 15.29 -12.57
CA ASP B 202 -10.83 16.24 -11.60
C ASP B 202 -11.36 17.44 -12.38
N VAL B 203 -12.43 18.04 -11.88
CA VAL B 203 -13.05 19.21 -12.52
C VAL B 203 -12.13 20.43 -12.58
N ARG B 204 -11.30 20.62 -11.56
CA ARG B 204 -10.32 21.72 -11.53
C ARG B 204 -9.20 21.47 -12.54
N ALA B 205 -8.70 22.54 -13.16
CA ALA B 205 -7.73 22.45 -14.27
C ALA B 205 -6.26 22.48 -13.81
N ALA B 206 -6.01 23.06 -12.63
CA ALA B 206 -4.66 23.07 -12.04
C ALA B 206 -4.23 21.67 -11.57
N THR B 207 -5.18 20.74 -11.56
CA THR B 207 -4.95 19.36 -11.16
C THR B 207 -4.10 18.57 -12.14
N LYS B 208 -4.25 18.84 -13.44
CA LYS B 208 -3.51 18.14 -14.49
C LYS B 208 -2.01 18.06 -14.21
N GLU B 209 -1.44 19.20 -13.85
CA GLU B 209 0.01 19.29 -13.55
C GLU B 209 0.38 18.46 -12.32
N GLN B 210 -0.47 18.48 -11.30
CA GLN B 210 -0.25 17.72 -10.06
C GLN B 210 -0.28 16.21 -10.32
N VAL B 211 -1.25 15.76 -11.13
CA VAL B 211 -1.36 14.37 -11.55
C VAL B 211 -0.11 13.90 -12.29
N GLU B 212 0.37 14.73 -13.21
CA GLU B 212 1.55 14.42 -14.02
C GLU B 212 2.83 14.44 -13.19
N SER B 213 2.88 15.31 -12.19
CA SER B 213 4.02 15.35 -11.26
C SER B 213 4.17 14.07 -10.42
N LEU B 214 3.16 13.20 -10.45
CA LEU B 214 3.22 11.88 -9.84
C LEU B 214 3.25 10.73 -10.84
N GLY B 215 3.51 11.04 -12.11
CA GLY B 215 3.57 10.02 -13.16
C GLY B 215 2.22 9.47 -13.61
N GLY B 216 1.14 10.10 -13.18
CA GLY B 216 -0.20 9.73 -13.64
C GLY B 216 -0.53 10.47 -14.93
N LYS B 217 -1.51 9.95 -15.67
CA LYS B 217 -2.00 10.63 -16.88
C LYS B 217 -3.37 11.24 -16.65
N PHE B 218 -3.50 12.51 -16.99
CA PHE B 218 -4.74 13.25 -16.80
C PHE B 218 -5.66 13.06 -18.00
N ILE B 219 -6.95 12.84 -17.75
CA ILE B 219 -7.93 12.61 -18.81
C ILE B 219 -8.34 13.94 -19.46
N THR B 220 -8.05 14.07 -20.76
CA THR B 220 -8.35 15.28 -21.53
C THR B 220 -9.09 14.93 -22.83
N VAL B 221 -9.64 15.95 -23.50
CA VAL B 221 -10.57 15.76 -24.62
C VAL B 221 -9.97 15.96 -26.02
N ASP B 222 -9.50 17.17 -26.30
CA ASP B 222 -8.99 17.59 -27.62
C ASP B 222 -9.56 16.83 -28.83
N GLU B 242 -19.35 24.76 -26.52
CA GLU B 242 -20.46 25.17 -25.66
C GLU B 242 -20.80 24.06 -24.65
N PHE B 243 -21.35 22.95 -25.14
CA PHE B 243 -21.83 21.86 -24.29
C PHE B 243 -20.80 20.72 -24.26
N ARG B 244 -19.80 20.89 -23.41
CA ARG B 244 -18.70 19.93 -23.31
C ARG B 244 -19.06 18.70 -22.47
N LYS B 245 -19.72 17.74 -23.11
CA LYS B 245 -19.89 16.40 -22.52
C LYS B 245 -19.21 15.33 -23.39
N LYS B 246 -18.19 15.77 -24.12
CA LYS B 246 -17.16 14.88 -24.65
C LYS B 246 -16.19 14.48 -23.53
N GLN B 247 -16.24 15.23 -22.42
CA GLN B 247 -15.48 14.92 -21.20
C GLN B 247 -15.97 13.62 -20.58
N ALA B 248 -17.28 13.49 -20.40
CA ALA B 248 -17.90 12.25 -19.90
C ALA B 248 -17.63 11.07 -20.84
N GLU B 249 -17.46 11.37 -22.11
CA GLU B 249 -17.10 10.38 -23.12
C GLU B 249 -15.65 9.93 -22.95
N ALA B 250 -14.76 10.88 -22.69
CA ALA B 250 -13.34 10.61 -22.49
C ALA B 250 -13.06 9.84 -21.20
N VAL B 251 -13.87 10.11 -20.18
CA VAL B 251 -13.79 9.39 -18.89
C VAL B 251 -14.26 7.95 -19.04
N LEU B 252 -15.39 7.76 -19.73
CA LEU B 252 -15.96 6.44 -19.95
C LEU B 252 -15.00 5.53 -20.73
N LYS B 253 -14.38 6.10 -21.76
CA LYS B 253 -13.37 5.40 -22.56
C LYS B 253 -12.27 4.76 -21.70
N GLU B 254 -11.81 5.51 -20.70
CA GLU B 254 -10.83 4.98 -19.75
C GLU B 254 -11.46 4.07 -18.69
N LEU B 255 -12.65 4.41 -18.22
CA LEU B 255 -13.33 3.61 -17.20
C LEU B 255 -13.65 2.18 -17.65
N VAL B 256 -13.92 2.01 -18.94
CA VAL B 256 -14.17 0.68 -19.51
C VAL B 256 -12.93 -0.23 -19.44
N LYS B 257 -11.74 0.36 -19.47
CA LYS B 257 -10.47 -0.38 -19.38
C LYS B 257 -9.93 -0.48 -17.95
N THR B 258 -10.58 0.20 -17.01
CA THR B 258 -10.08 0.35 -15.65
C THR B 258 -10.33 -0.89 -14.78
N ASP B 259 -9.30 -1.27 -14.02
CA ASP B 259 -9.39 -2.39 -13.08
C ASP B 259 -9.82 -1.95 -11.69
N ILE B 260 -9.34 -0.78 -11.26
CA ILE B 260 -9.66 -0.25 -9.94
C ILE B 260 -9.95 1.25 -10.05
N ALA B 261 -11.17 1.63 -9.70
CA ALA B 261 -11.58 3.02 -9.70
C ALA B 261 -11.65 3.51 -8.26
N ILE B 262 -10.93 4.59 -7.96
CA ILE B 262 -10.93 5.17 -6.62
C ILE B 262 -11.56 6.56 -6.71
N THR B 263 -12.63 6.78 -5.95
CA THR B 263 -13.35 8.04 -6.00
C THR B 263 -13.25 8.75 -4.66
N THR B 264 -12.83 10.02 -4.69
CA THR B 264 -12.48 10.77 -3.48
C THR B 264 -13.20 12.13 -3.35
N ALA B 265 -14.11 12.46 -4.26
CA ALA B 265 -14.68 13.81 -4.34
C ALA B 265 -15.69 14.07 -3.21
N LEU B 266 -15.42 15.10 -2.41
CA LEU B 266 -16.18 15.39 -1.21
C LEU B 266 -16.50 16.89 -1.12
N ILE B 267 -17.77 17.21 -0.89
CA ILE B 267 -18.22 18.60 -0.72
C ILE B 267 -18.79 18.78 0.69
N PRO B 268 -18.11 19.59 1.54
CA PRO B 268 -18.53 19.75 2.94
C PRO B 268 -19.96 20.26 3.13
N GLY B 269 -20.68 19.63 4.06
CA GLY B 269 -22.08 19.99 4.33
C GLY B 269 -23.09 19.48 3.32
N LYS B 270 -22.62 19.00 2.16
CA LYS B 270 -23.47 18.64 1.04
C LYS B 270 -23.28 17.17 0.66
N PRO B 271 -24.25 16.58 -0.07
CA PRO B 271 -24.06 15.23 -0.59
C PRO B 271 -22.90 15.15 -1.59
N ALA B 272 -22.23 14.00 -1.62
CA ALA B 272 -21.10 13.81 -2.53
C ALA B 272 -21.58 13.77 -3.97
N PRO B 273 -20.82 14.37 -4.90
CA PRO B 273 -21.23 14.37 -6.31
C PRO B 273 -21.17 12.98 -6.90
N VAL B 274 -22.12 12.66 -7.78
CA VAL B 274 -22.16 11.36 -8.44
C VAL B 274 -21.19 11.37 -9.62
N LEU B 275 -20.11 10.59 -9.51
CA LEU B 275 -19.08 10.52 -10.55
C LEU B 275 -19.11 9.21 -11.34
N ILE B 276 -19.61 8.13 -10.71
CA ILE B 276 -19.85 6.86 -11.40
C ILE B 276 -21.29 6.41 -11.16
N THR B 277 -22.13 6.57 -12.17
CA THR B 277 -23.52 6.11 -12.11
C THR B 277 -23.58 4.60 -12.25
N GLU B 278 -24.74 4.01 -11.97
CA GLU B 278 -24.95 2.59 -12.20
C GLU B 278 -24.82 2.21 -13.68
N GLU B 279 -25.25 3.11 -14.57
CA GLU B 279 -25.07 2.91 -16.01
C GLU B 279 -23.59 2.81 -16.36
N MET B 280 -22.76 3.62 -15.70
CA MET B 280 -21.32 3.54 -15.87
C MET B 280 -20.74 2.23 -15.34
N VAL B 281 -21.25 1.75 -14.20
CA VAL B 281 -20.78 0.50 -13.59
C VAL B 281 -21.02 -0.70 -14.51
N THR B 282 -22.19 -0.74 -15.14
CA THR B 282 -22.55 -1.84 -16.06
C THR B 282 -21.57 -2.00 -17.21
N LYS B 283 -20.93 -0.91 -17.62
CA LYS B 283 -19.95 -0.91 -18.71
C LYS B 283 -18.53 -1.25 -18.28
N MET B 284 -18.31 -1.51 -16.98
CA MET B 284 -17.00 -1.95 -16.49
C MET B 284 -16.88 -3.46 -16.62
N LYS B 285 -15.64 -3.94 -16.72
CA LYS B 285 -15.38 -5.38 -16.89
C LYS B 285 -15.50 -6.12 -15.55
N PRO B 286 -15.85 -7.44 -15.60
CA PRO B 286 -15.91 -8.23 -14.37
C PRO B 286 -14.58 -8.32 -13.65
N GLY B 287 -14.65 -8.40 -12.32
CA GLY B 287 -13.45 -8.40 -11.48
C GLY B 287 -12.96 -7.00 -11.11
N SER B 288 -13.60 -5.97 -11.68
CA SER B 288 -13.27 -4.60 -11.34
C SER B 288 -13.76 -4.26 -9.94
N VAL B 289 -13.16 -3.23 -9.35
CA VAL B 289 -13.41 -2.86 -7.98
C VAL B 289 -13.47 -1.33 -7.91
N ILE B 290 -14.51 -0.79 -7.29
CA ILE B 290 -14.63 0.63 -7.02
C ILE B 290 -14.43 0.84 -5.51
N ILE B 291 -13.48 1.72 -5.14
CA ILE B 291 -13.36 2.17 -3.76
C ILE B 291 -13.96 3.57 -3.65
N ASP B 292 -15.08 3.65 -2.95
CA ASP B 292 -15.83 4.89 -2.81
C ASP B 292 -15.50 5.52 -1.46
N LEU B 293 -14.54 6.45 -1.46
CA LEU B 293 -14.14 7.16 -0.23
C LEU B 293 -15.13 8.26 0.18
N ALA B 294 -16.15 8.52 -0.64
CA ALA B 294 -17.20 9.49 -0.32
C ALA B 294 -18.47 8.83 0.22
N VAL B 295 -18.38 7.54 0.57
CA VAL B 295 -19.55 6.74 0.95
C VAL B 295 -20.32 7.26 2.20
N GLU B 296 -19.62 7.91 3.13
CA GLU B 296 -20.28 8.48 4.31
C GLU B 296 -21.11 9.73 3.99
N ALA B 297 -20.80 10.39 2.86
CA ALA B 297 -21.56 11.56 2.40
C ALA B 297 -22.45 11.24 1.19
N GLY B 298 -22.90 9.98 1.08
CA GLY B 298 -23.78 9.56 -0.01
C GLY B 298 -23.09 8.80 -1.13
N GLY B 299 -21.77 8.96 -1.25
CA GLY B 299 -20.98 8.23 -2.23
C GLY B 299 -20.90 8.92 -3.59
N ASN B 300 -19.76 8.75 -4.25
CA ASN B 300 -19.61 9.15 -5.66
C ASN B 300 -20.25 8.11 -6.58
N CYS B 301 -20.54 6.94 -6.04
CA CYS B 301 -21.30 5.90 -6.71
C CYS B 301 -22.55 5.55 -5.90
N PRO B 302 -23.75 5.63 -6.52
CA PRO B 302 -25.01 5.26 -5.83
C PRO B 302 -25.08 3.83 -5.30
N LEU B 303 -24.36 2.90 -5.93
CA LEU B 303 -24.38 1.50 -5.50
C LEU B 303 -23.64 1.22 -4.20
N SER B 304 -22.78 2.15 -3.77
CA SER B 304 -22.02 1.96 -2.54
C SER B 304 -22.93 2.01 -1.30
N GLU B 305 -22.59 1.22 -0.29
CA GLU B 305 -23.29 1.19 0.99
C GLU B 305 -22.27 1.29 2.13
N PRO B 306 -22.49 2.19 3.10
CA PRO B 306 -21.57 2.38 4.23
C PRO B 306 -21.21 1.10 4.97
N GLY B 307 -19.92 0.83 5.08
CA GLY B 307 -19.42 -0.33 5.82
C GLY B 307 -19.60 -1.66 5.11
N LYS B 308 -19.89 -1.62 3.80
CA LYS B 308 -20.14 -2.84 3.05
C LYS B 308 -19.34 -2.91 1.75
N ILE B 309 -19.09 -4.14 1.32
CA ILE B 309 -18.67 -4.41 -0.04
C ILE B 309 -19.88 -5.01 -0.78
N VAL B 310 -20.38 -4.24 -1.75
CA VAL B 310 -21.51 -4.65 -2.57
C VAL B 310 -20.98 -5.19 -3.90
N VAL B 311 -21.59 -6.25 -4.41
CA VAL B 311 -21.24 -6.80 -5.71
C VAL B 311 -22.42 -6.65 -6.66
N LYS B 312 -22.24 -5.85 -7.71
CA LYS B 312 -23.27 -5.71 -8.75
C LYS B 312 -22.65 -5.53 -10.14
N HIS B 313 -23.25 -6.21 -11.12
CA HIS B 313 -22.79 -6.22 -12.51
C HIS B 313 -21.35 -6.76 -12.67
N GLY B 314 -20.97 -7.68 -11.80
CA GLY B 314 -19.60 -8.22 -11.78
C GLY B 314 -18.56 -7.37 -11.08
N VAL B 315 -18.95 -6.18 -10.63
CA VAL B 315 -18.05 -5.18 -10.06
C VAL B 315 -18.18 -5.16 -8.54
N LYS B 316 -17.05 -5.10 -7.83
CA LYS B 316 -17.06 -4.92 -6.37
C LYS B 316 -17.13 -3.44 -6.03
N ILE B 317 -18.13 -3.04 -5.26
CA ILE B 317 -18.28 -1.65 -4.84
C ILE B 317 -17.94 -1.59 -3.35
N VAL B 318 -16.73 -1.14 -3.04
CA VAL B 318 -16.20 -1.15 -1.68
C VAL B 318 -16.48 0.20 -1.01
N GLY B 319 -17.13 0.18 0.15
CA GLY B 319 -17.55 1.39 0.85
C GLY B 319 -17.28 1.37 2.35
N HIS B 320 -16.02 1.17 2.71
CA HIS B 320 -15.61 1.19 4.11
C HIS B 320 -15.84 2.56 4.74
N THR B 321 -16.24 2.55 6.01
CA THR B 321 -16.37 3.78 6.80
C THR B 321 -15.05 4.03 7.51
N ASN B 322 -14.85 5.29 7.91
CA ASN B 322 -13.72 5.67 8.75
C ASN B 322 -12.41 5.09 8.25
N VAL B 323 -12.05 5.46 7.03
CA VAL B 323 -10.87 4.88 6.38
C VAL B 323 -9.56 5.26 7.10
N PRO B 324 -9.44 6.50 7.61
CA PRO B 324 -8.27 6.81 8.47
C PRO B 324 -8.06 5.87 9.66
N SER B 325 -9.15 5.34 10.23
CA SER B 325 -9.06 4.38 11.32
C SER B 325 -8.55 3.00 10.85
N ARG B 326 -8.62 2.73 9.55
CA ARG B 326 -7.97 1.53 8.98
C ARG B 326 -6.44 1.68 8.90
N VAL B 327 -5.92 2.88 9.20
CA VAL B 327 -4.48 3.10 9.38
C VAL B 327 -4.28 3.77 10.74
N ALA B 328 -4.96 3.26 11.78
CA ALA B 328 -5.05 3.95 13.07
C ALA B 328 -3.71 4.17 13.78
N ALA B 329 -2.76 3.26 13.59
CA ALA B 329 -1.48 3.33 14.29
C ALA B 329 -0.52 4.38 13.69
N ASP B 330 -0.68 4.70 12.41
CA ASP B 330 0.00 5.86 11.81
C ASP B 330 -0.87 7.12 11.86
N ALA B 331 -2.18 6.95 11.87
CA ALA B 331 -3.10 8.09 11.90
C ALA B 331 -3.13 8.79 13.26
N SER B 332 -2.99 8.02 14.34
CA SER B 332 -3.07 8.56 15.69
C SER B 332 -1.92 9.51 16.07
N PRO B 333 -0.65 9.12 15.83
CA PRO B 333 0.46 10.05 16.06
C PRO B 333 0.38 11.37 15.28
N LEU B 334 -0.14 11.33 14.07
CA LEU B 334 -0.33 12.54 13.27
C LEU B 334 -1.45 13.43 13.81
N PHE B 335 -2.56 12.80 14.19
CA PHE B 335 -3.68 13.52 14.79
C PHE B 335 -3.25 14.18 16.10
N ALA B 336 -2.50 13.44 16.92
CA ALA B 336 -1.94 13.96 18.17
C ALA B 336 -0.96 15.11 17.96
N LYS B 337 -0.14 15.03 16.91
CA LYS B 337 0.78 16.10 16.56
C LYS B 337 0.05 17.35 16.07
N ASN B 338 -1.05 17.18 15.33
CA ASN B 338 -1.90 18.29 14.91
C ASN B 338 -2.45 19.09 16.10
N LEU B 339 -2.97 18.38 17.10
CA LEU B 339 -3.44 19.00 18.34
C LEU B 339 -2.30 19.67 19.10
N LEU B 340 -1.17 18.98 19.19
CA LEU B 340 0.00 19.53 19.89
C LEU B 340 0.40 20.84 19.25
N ASN B 341 0.56 20.84 17.93
CA ASN B 341 0.93 22.05 17.19
C ASN B 341 -0.08 23.18 17.34
N PHE B 342 -1.37 22.83 17.41
CA PHE B 342 -2.42 23.83 17.62
C PHE B 342 -2.37 24.45 19.02
N LEU B 343 -2.14 23.62 20.04
CA LEU B 343 -2.18 24.05 21.44
C LEU B 343 -0.87 24.72 21.91
N THR B 344 0.26 24.33 21.33
CA THR B 344 1.58 24.72 21.84
C THR B 344 1.83 26.25 21.95
N PRO B 345 1.47 27.04 20.91
CA PRO B 345 1.71 28.48 21.00
C PRO B 345 0.91 29.25 22.07
N HIS B 346 0.01 28.56 22.79
CA HIS B 346 -0.84 29.20 23.78
C HIS B 346 -0.54 28.77 25.22
N VAL B 347 0.49 27.96 25.43
CA VAL B 347 0.94 27.58 26.76
C VAL B 347 1.91 28.63 27.30
N ASP B 348 1.59 29.19 28.45
CA ASP B 348 2.42 30.23 29.09
C ASP B 348 3.63 29.60 29.79
N LYS B 349 3.35 28.76 30.79
CA LYS B 349 4.35 28.13 31.68
C LYS B 349 5.24 29.10 32.48
N ASP B 350 4.77 30.33 32.68
CA ASP B 350 5.25 31.19 33.77
C ASP B 350 4.18 31.19 34.87
N THR B 351 2.93 31.09 34.46
CA THR B 351 1.86 30.54 35.29
C THR B 351 1.30 29.30 34.57
N LYS B 352 0.80 28.33 35.33
CA LYS B 352 0.24 27.10 34.76
C LYS B 352 -1.13 27.37 34.15
N THR B 353 -1.14 28.04 33.00
CA THR B 353 -2.38 28.42 32.31
C THR B 353 -2.28 28.24 30.81
N LEU B 354 -3.41 27.91 30.21
CA LEU B 354 -3.57 27.85 28.76
C LEU B 354 -4.35 29.09 28.34
N VAL B 355 -3.64 30.14 27.95
CA VAL B 355 -4.30 31.37 27.50
C VAL B 355 -4.42 31.34 25.98
N MET B 356 -5.62 31.01 25.50
CA MET B 356 -5.87 30.94 24.06
C MET B 356 -6.09 32.35 23.52
N LYS B 357 -5.34 32.68 22.47
CA LYS B 357 -5.28 34.05 21.97
C LYS B 357 -6.36 34.29 20.91
N LEU B 358 -7.17 35.32 21.12
CA LEU B 358 -8.41 35.53 20.35
C LEU B 358 -8.16 36.09 18.95
N GLU B 359 -7.09 36.86 18.80
CA GLU B 359 -6.69 37.43 17.50
C GLU B 359 -5.98 36.41 16.60
N ASP B 360 -5.60 35.27 17.17
CA ASP B 360 -5.04 34.15 16.43
C ASP B 360 -6.13 33.56 15.52
N GLU B 361 -5.85 33.49 14.21
CA GLU B 361 -6.84 33.04 13.23
C GLU B 361 -7.20 31.56 13.39
N THR B 362 -6.26 30.76 13.91
CA THR B 362 -6.52 29.35 14.16
C THR B 362 -7.48 29.18 15.34
N VAL B 363 -7.39 30.09 16.31
CA VAL B 363 -8.26 30.07 17.49
C VAL B 363 -9.67 30.53 17.17
N SER B 364 -9.79 31.69 16.53
CA SER B 364 -11.10 32.24 16.16
C SER B 364 -11.79 31.38 15.09
N GLY B 365 -11.00 30.80 14.19
CA GLY B 365 -11.52 29.92 13.15
C GLY B 365 -12.11 28.61 13.65
N THR B 366 -11.55 28.07 14.74
CA THR B 366 -11.95 26.76 15.25
C THR B 366 -12.88 26.80 16.46
N CYS B 367 -12.91 27.92 17.18
CA CYS B 367 -13.73 28.01 18.39
C CYS B 367 -15.21 28.09 18.04
N VAL B 368 -15.97 27.14 18.59
CA VAL B 368 -17.41 27.04 18.32
C VAL B 368 -18.26 27.54 19.48
N THR B 369 -17.79 27.31 20.70
CA THR B 369 -18.46 27.81 21.88
C THR B 369 -17.43 28.02 22.99
N ARG B 370 -17.66 29.03 23.84
CA ARG B 370 -16.85 29.23 25.03
C ARG B 370 -17.62 29.98 26.14
N ASP B 371 -17.31 29.62 27.38
CA ASP B 371 -17.97 30.18 28.58
C ASP B 371 -19.50 30.18 28.47
N GLY B 372 -20.06 29.06 28.04
CA GLY B 372 -21.50 28.86 28.00
C GLY B 372 -22.24 29.62 26.91
N ALA B 373 -21.53 30.01 25.86
CA ALA B 373 -22.14 30.71 24.73
C ALA B 373 -21.51 30.27 23.41
N ILE B 374 -22.37 30.04 22.41
CA ILE B 374 -21.94 29.67 21.06
C ILE B 374 -21.25 30.89 20.44
N VAL B 375 -20.08 30.68 19.87
CA VAL B 375 -19.25 31.78 19.34
C VAL B 375 -19.17 31.78 17.81
N HIS B 376 -19.05 30.61 17.20
CA HIS B 376 -18.84 30.51 15.75
C HIS B 376 -20.03 31.08 14.97
N PRO B 377 -19.77 32.02 14.02
CA PRO B 377 -20.83 32.72 13.26
C PRO B 377 -21.83 31.82 12.51
N ALA B 378 -21.39 30.63 12.09
CA ALA B 378 -22.24 29.69 11.37
C ALA B 378 -23.27 28.99 12.26
N LEU B 379 -23.07 29.02 13.57
CA LEU B 379 -23.95 28.33 14.53
C LEU B 379 -24.72 29.26 15.48
N THR B 380 -24.36 30.55 15.53
CA THR B 380 -25.00 31.49 16.46
C THR B 380 -26.44 31.80 16.06
N SER C 30 22.23 41.99 -9.08
CA SER C 30 21.04 41.23 -8.58
C SER C 30 21.16 39.73 -8.89
N VAL C 31 20.57 39.30 -10.00
CA VAL C 31 20.48 37.88 -10.33
C VAL C 31 21.77 37.38 -10.98
N LYS C 32 22.48 36.47 -10.29
CA LYS C 32 23.68 35.83 -10.83
C LYS C 32 23.32 34.51 -11.49
N ALA C 33 23.11 34.56 -12.81
CA ALA C 33 22.72 33.38 -13.57
C ALA C 33 23.94 32.51 -13.90
N GLY C 34 23.75 31.20 -13.89
CA GLY C 34 24.83 30.25 -14.16
C GLY C 34 24.39 29.12 -15.08
N SER C 35 25.31 28.20 -15.35
CA SER C 35 25.09 27.10 -16.29
C SER C 35 25.37 25.74 -15.63
N ALA C 36 25.19 24.67 -16.40
CA ALA C 36 25.48 23.32 -15.93
C ALA C 36 26.97 23.10 -15.65
N GLU C 37 27.81 23.75 -16.46
CA GLU C 37 29.26 23.69 -16.30
C GLU C 37 29.70 24.32 -14.97
N ASP C 38 29.06 25.42 -14.60
CA ASP C 38 29.33 26.09 -13.33
C ASP C 38 29.02 25.21 -12.14
N ALA C 39 27.80 24.68 -12.12
CA ALA C 39 27.33 23.81 -11.04
C ALA C 39 28.20 22.57 -10.84
N ALA C 40 28.70 22.03 -11.96
CA ALA C 40 29.52 20.81 -11.95
C ALA C 40 30.79 20.93 -11.11
N PHE C 41 31.55 22.02 -11.27
CA PHE C 41 32.80 22.20 -10.53
C PHE C 41 32.58 22.66 -9.08
N ILE C 42 31.53 23.44 -8.84
CA ILE C 42 31.22 23.93 -7.49
C ILE C 42 30.94 22.76 -6.54
N MET C 43 30.16 21.80 -7.03
CA MET C 43 29.79 20.64 -6.24
C MET C 43 30.89 19.59 -6.15
N LYS C 44 31.68 19.46 -7.21
CA LYS C 44 32.82 18.53 -7.20
C LYS C 44 34.00 19.03 -6.34
N ASN C 45 34.21 20.35 -6.32
CA ASN C 45 35.20 20.95 -5.42
C ASN C 45 34.74 20.96 -3.96
N ALA C 46 33.42 20.89 -3.76
CA ALA C 46 32.84 20.84 -2.42
C ALA C 46 33.11 19.49 -1.77
N SER C 47 33.13 19.48 -0.44
CA SER C 47 33.25 18.25 0.34
C SER C 47 31.92 17.82 0.99
N LYS C 48 30.90 18.68 0.94
CA LYS C 48 29.57 18.35 1.47
C LYS C 48 28.46 19.12 0.73
N VAL C 49 27.48 18.38 0.20
CA VAL C 49 26.38 18.94 -0.59
C VAL C 49 25.02 18.50 -0.03
N ILE C 50 24.14 19.48 0.22
CA ILE C 50 22.75 19.20 0.63
C ILE C 50 21.80 19.46 -0.54
N ILE C 51 21.08 18.42 -0.98
CA ILE C 51 20.11 18.55 -2.06
C ILE C 51 18.74 18.91 -1.48
N VAL C 52 18.12 19.95 -2.02
CA VAL C 52 16.80 20.43 -1.58
C VAL C 52 15.78 20.30 -2.71
N PRO C 53 15.02 19.18 -2.74
CA PRO C 53 14.00 18.98 -3.76
C PRO C 53 12.66 19.61 -3.42
N GLY C 54 11.96 20.11 -4.44
CA GLY C 54 10.64 20.72 -4.28
C GLY C 54 9.71 20.35 -5.43
N TYR C 55 8.60 21.07 -5.54
CA TYR C 55 7.56 20.75 -6.53
C TYR C 55 8.06 20.69 -7.98
N GLY C 56 8.94 21.61 -8.37
CA GLY C 56 9.49 21.63 -9.72
C GLY C 56 10.20 20.35 -10.11
N MET C 57 10.87 19.74 -9.14
CA MET C 57 11.51 18.43 -9.28
C MET C 57 10.47 17.37 -9.69
N ALA C 58 9.31 17.41 -9.03
CA ALA C 58 8.20 16.50 -9.34
C ALA C 58 7.61 16.76 -10.73
N VAL C 59 7.35 18.03 -11.04
CA VAL C 59 6.79 18.43 -12.35
C VAL C 59 7.65 17.91 -13.51
N ALA C 60 8.96 18.12 -13.41
CA ALA C 60 9.91 17.70 -14.44
C ALA C 60 10.25 16.21 -14.41
N GLN C 61 9.84 15.51 -13.35
CA GLN C 61 10.25 14.12 -13.09
C GLN C 61 11.77 13.98 -13.15
N ALA C 62 12.43 14.81 -12.34
CA ALA C 62 13.89 14.96 -12.35
C ALA C 62 14.62 14.07 -11.34
N GLN C 63 13.88 13.19 -10.67
CA GLN C 63 14.41 12.39 -9.57
C GLN C 63 15.52 11.40 -9.95
N HIS C 64 15.42 10.82 -11.15
CA HIS C 64 16.39 9.81 -11.60
C HIS C 64 17.72 10.44 -11.98
N ALA C 65 17.64 11.59 -12.67
CA ALA C 65 18.81 12.40 -12.97
C ALA C 65 19.45 12.96 -11.71
N LEU C 66 18.63 13.25 -10.70
CA LEU C 66 19.10 13.79 -9.43
C LEU C 66 19.92 12.78 -8.63
N ARG C 67 19.40 11.57 -8.48
CA ARG C 67 20.11 10.51 -7.76
C ARG C 67 21.38 10.08 -8.50
N GLU C 68 21.31 10.11 -9.83
CA GLU C 68 22.47 9.90 -10.69
C GLU C 68 23.57 10.92 -10.41
N MET C 69 23.16 12.18 -10.22
CA MET C 69 24.09 13.25 -9.88
C MET C 69 24.69 13.06 -8.49
N ALA C 70 23.89 12.56 -7.55
CA ALA C 70 24.39 12.25 -6.20
C ALA C 70 25.39 11.10 -6.23
N ASP C 71 25.17 10.13 -7.11
CA ASP C 71 26.05 8.96 -7.24
C ASP C 71 27.44 9.34 -7.74
N VAL C 72 27.49 10.17 -8.76
CA VAL C 72 28.77 10.66 -9.30
C VAL C 72 29.49 11.59 -8.31
N LEU C 73 28.73 12.16 -7.39
CA LEU C 73 29.27 12.95 -6.27
C LEU C 73 29.83 12.09 -5.14
N LYS C 74 29.09 11.08 -4.74
CA LYS C 74 29.53 10.18 -3.66
C LYS C 74 30.76 9.36 -4.04
N LYS C 75 30.86 9.01 -5.32
CA LYS C 75 32.03 8.34 -5.86
C LYS C 75 33.27 9.25 -5.84
N GLU C 76 33.05 10.54 -6.00
CA GLU C 76 34.11 11.56 -5.93
C GLU C 76 34.60 11.81 -4.49
N GLY C 77 33.90 11.25 -3.50
CA GLY C 77 34.27 11.40 -2.09
C GLY C 77 33.44 12.43 -1.34
N VAL C 78 32.53 13.09 -2.06
CA VAL C 78 31.67 14.12 -1.49
C VAL C 78 30.53 13.44 -0.73
N GLU C 79 30.24 13.93 0.47
CA GLU C 79 29.10 13.42 1.23
C GLU C 79 27.83 14.20 0.85
N VAL C 80 26.80 13.44 0.48
CA VAL C 80 25.55 14.01 -0.07
C VAL C 80 24.37 13.68 0.83
N SER C 81 23.49 14.67 1.04
CA SER C 81 22.25 14.49 1.81
C SER C 81 21.08 15.13 1.08
N TYR C 82 19.86 14.81 1.54
CA TYR C 82 18.64 15.40 1.01
C TYR C 82 17.84 16.04 2.15
N ALA C 83 17.47 17.32 1.98
CA ALA C 83 16.63 18.05 2.93
C ALA C 83 15.19 18.18 2.43
N ILE C 84 14.25 17.53 3.14
CA ILE C 84 12.86 17.43 2.72
C ILE C 84 12.04 18.32 3.63
N HIS C 85 11.40 19.33 3.04
CA HIS C 85 10.51 20.17 3.79
C HIS C 85 9.20 19.39 3.97
N PRO C 86 8.57 19.50 5.16
CA PRO C 86 7.31 18.80 5.41
C PRO C 86 6.21 19.02 4.35
N VAL C 87 6.18 20.19 3.73
CA VAL C 87 5.21 20.51 2.69
C VAL C 87 5.85 20.86 1.34
N ALA C 88 6.96 20.23 1.01
CA ALA C 88 7.50 20.30 -0.35
C ALA C 88 6.53 19.57 -1.28
N GLY C 89 6.45 20.02 -2.53
CA GLY C 89 5.50 19.47 -3.48
C GLY C 89 4.09 19.94 -3.21
N ARG C 90 3.11 19.10 -3.53
CA ARG C 90 1.68 19.41 -3.38
C ARG C 90 0.89 18.40 -2.55
N MET C 91 1.57 17.37 -2.02
CA MET C 91 0.96 16.39 -1.14
C MET C 91 1.97 15.96 -0.09
N PRO C 92 1.49 15.38 1.03
CA PRO C 92 2.40 14.74 1.98
C PRO C 92 3.22 13.61 1.34
N GLY C 93 4.53 13.59 1.61
CA GLY C 93 5.42 12.58 1.05
C GLY C 93 5.63 12.65 -0.46
N HIS C 94 5.45 13.83 -1.05
CA HIS C 94 5.57 14.00 -2.49
C HIS C 94 6.99 13.74 -2.98
N MET C 95 7.96 14.28 -2.25
CA MET C 95 9.36 14.09 -2.61
C MET C 95 9.78 12.66 -2.32
N ASN C 96 9.28 12.11 -1.22
CA ASN C 96 9.64 10.75 -0.78
C ASN C 96 9.38 9.68 -1.83
N VAL C 97 8.17 9.66 -2.39
CA VAL C 97 7.80 8.64 -3.38
C VAL C 97 8.65 8.70 -4.67
N LEU C 98 9.01 9.90 -5.09
CA LEU C 98 9.83 10.09 -6.29
C LEU C 98 11.30 9.75 -6.03
N LEU C 99 11.82 10.15 -4.88
CA LEU C 99 13.17 9.78 -4.48
C LEU C 99 13.30 8.26 -4.31
N ALA C 100 12.27 7.64 -3.72
CA ALA C 100 12.21 6.19 -3.60
C ALA C 100 12.16 5.49 -4.97
N GLU C 101 11.40 6.06 -5.91
CA GLU C 101 11.35 5.60 -7.30
C GLU C 101 12.72 5.64 -7.95
N ALA C 102 13.48 6.69 -7.65
CA ALA C 102 14.85 6.87 -8.15
C ALA C 102 15.92 6.07 -7.39
N ASN C 103 15.49 5.27 -6.41
N ASN C 103 15.50 5.26 -6.41
CA ASN C 103 16.38 4.41 -5.60
CA ASN C 103 16.39 4.41 -5.61
C ASN C 103 17.35 5.20 -4.71
C ASN C 103 17.35 5.20 -4.72
N VAL C 104 16.88 6.35 -4.23
CA VAL C 104 17.63 7.13 -3.26
C VAL C 104 17.51 6.39 -1.92
N PRO C 105 18.66 6.04 -1.30
CA PRO C 105 18.58 5.30 -0.04
C PRO C 105 18.03 6.17 1.08
N TYR C 106 17.27 5.55 1.98
CA TYR C 106 16.64 6.27 3.09
C TYR C 106 17.61 6.97 4.04
N ASP C 107 18.80 6.40 4.22
CA ASP C 107 19.77 6.98 5.17
C ASP C 107 20.38 8.32 4.73
N GLU C 108 20.14 8.72 3.47
CA GLU C 108 20.55 10.03 2.97
C GLU C 108 19.44 11.09 3.06
N VAL C 109 18.24 10.68 3.48
CA VAL C 109 17.05 11.51 3.44
C VAL C 109 16.67 12.01 4.85
N PHE C 110 16.58 13.33 5.00
CA PHE C 110 16.39 13.97 6.31
C PHE C 110 15.26 15.00 6.33
N GLU C 111 14.47 14.96 7.39
CA GLU C 111 13.39 15.92 7.63
C GLU C 111 13.93 17.28 8.06
N LEU C 112 13.13 18.33 7.92
CA LEU C 112 13.55 19.73 8.17
C LEU C 112 14.29 19.92 9.51
N GLU C 113 13.73 19.39 10.59
CA GLU C 113 14.30 19.58 11.93
C GLU C 113 15.60 18.80 12.16
N GLU C 114 15.79 17.71 11.43
CA GLU C 114 17.03 16.92 11.49
C GLU C 114 18.22 17.63 10.83
N ILE C 115 17.95 18.41 9.77
CA ILE C 115 18.99 18.85 8.85
C ILE C 115 19.17 20.39 8.75
N ASN C 116 18.31 21.16 9.39
CA ASN C 116 18.35 22.63 9.24
C ASN C 116 19.64 23.26 9.79
N SER C 117 20.24 22.62 10.79
CA SER C 117 21.50 23.08 11.37
C SER C 117 22.74 22.60 10.59
N SER C 118 22.54 21.76 9.58
CA SER C 118 23.63 21.20 8.79
C SER C 118 24.03 22.08 7.59
N PHE C 119 23.20 23.06 7.24
CA PHE C 119 23.49 23.95 6.12
C PHE C 119 24.75 24.79 6.38
N GLN C 120 24.98 25.17 7.64
CA GLN C 120 26.18 25.88 8.06
C GLN C 120 27.47 25.18 7.64
N THR C 121 27.52 23.86 7.84
CA THR C 121 28.71 23.06 7.54
C THR C 121 28.77 22.58 6.09
N ALA C 122 27.75 22.91 5.30
CA ALA C 122 27.67 22.51 3.89
C ALA C 122 28.23 23.58 2.97
N ASP C 123 28.95 23.16 1.93
CA ASP C 123 29.52 24.06 0.94
C ASP C 123 28.46 24.50 -0.06
N VAL C 124 27.57 23.57 -0.43
CA VAL C 124 26.56 23.81 -1.45
C VAL C 124 25.17 23.37 -0.99
N ALA C 125 24.18 24.25 -1.19
CA ALA C 125 22.77 23.90 -1.10
C ALA C 125 22.19 23.83 -2.51
N PHE C 126 22.04 22.60 -3.00
CA PHE C 126 21.54 22.34 -4.35
C PHE C 126 20.02 22.27 -4.32
N VAL C 127 19.38 23.41 -4.59
CA VAL C 127 17.93 23.54 -4.50
C VAL C 127 17.30 23.27 -5.86
N ILE C 128 16.64 22.11 -5.99
CA ILE C 128 16.08 21.68 -7.28
C ILE C 128 14.55 21.72 -7.28
N GLY C 129 14.00 22.75 -7.93
CA GLY C 129 12.56 22.91 -8.05
C GLY C 129 11.83 23.28 -6.77
N ALA C 130 12.54 23.82 -5.79
CA ALA C 130 11.93 24.32 -4.56
C ALA C 130 12.02 25.84 -4.50
N ASN C 131 11.04 26.47 -3.85
CA ASN C 131 11.00 27.92 -3.73
C ASN C 131 10.46 28.38 -2.36
N ASP C 132 9.15 28.27 -2.13
CA ASP C 132 8.51 28.75 -0.87
C ASP C 132 9.13 28.11 0.36
N VAL C 133 9.42 26.82 0.22
CA VAL C 133 10.16 26.02 1.19
C VAL C 133 11.46 26.66 1.72
N THR C 134 12.12 27.48 0.89
CA THR C 134 13.36 28.16 1.27
C THR C 134 13.18 29.66 1.57
N ASN C 135 11.97 30.19 1.40
CA ASN C 135 11.76 31.63 1.41
C ASN C 135 11.80 32.26 2.81
N PRO C 136 12.78 33.15 3.07
CA PRO C 136 12.97 33.76 4.40
C PRO C 136 11.88 34.75 4.84
N ALA C 137 11.01 35.16 3.92
CA ALA C 137 9.85 36.01 4.25
C ALA C 137 8.82 35.31 5.17
N ALA C 138 8.98 34.00 5.35
CA ALA C 138 8.21 33.24 6.34
C ALA C 138 8.59 33.61 7.78
N LYS C 139 9.82 34.07 7.98
CA LYS C 139 10.28 34.58 9.28
C LYS C 139 10.12 36.09 9.38
N THR C 140 10.27 36.79 8.25
CA THR C 140 10.31 38.26 8.23
C THR C 140 8.92 38.89 8.05
N ASP C 141 8.43 38.91 6.81
CA ASP C 141 7.23 39.67 6.45
C ASP C 141 5.97 39.06 7.09
N PRO C 142 5.33 39.79 8.04
CA PRO C 142 4.13 39.28 8.69
C PRO C 142 2.89 39.25 7.79
N SER C 143 2.91 40.06 6.74
CA SER C 143 1.84 40.09 5.74
C SER C 143 2.02 39.01 4.66
N SER C 144 3.11 38.25 4.73
CA SER C 144 3.37 37.18 3.77
C SER C 144 2.42 36.01 3.99
N PRO C 145 1.88 35.43 2.89
CA PRO C 145 1.03 34.23 2.98
C PRO C 145 1.67 33.04 3.70
N ILE C 146 2.99 32.92 3.61
CA ILE C 146 3.73 31.82 4.25
C ILE C 146 4.34 32.20 5.61
N TYR C 147 3.89 33.31 6.21
CA TYR C 147 4.42 33.72 7.51
C TYR C 147 4.06 32.70 8.59
N GLY C 148 5.06 32.32 9.39
CA GLY C 148 4.88 31.31 10.43
C GLY C 148 5.26 29.90 10.03
N MET C 149 5.23 29.62 8.72
CA MET C 149 5.65 28.33 8.18
C MET C 149 7.15 28.17 8.36
N PRO C 150 7.60 27.00 8.86
CA PRO C 150 9.04 26.76 8.97
C PRO C 150 9.69 26.62 7.60
N ILE C 151 10.97 26.96 7.48
CA ILE C 151 11.68 26.92 6.21
C ILE C 151 13.08 26.32 6.37
N LEU C 152 13.67 25.94 5.24
CA LEU C 152 15.04 25.44 5.23
C LEU C 152 16.01 26.61 5.06
N ASP C 153 16.93 26.76 6.02
CA ASP C 153 17.91 27.85 6.01
C ASP C 153 19.05 27.58 5.02
N VAL C 154 18.71 27.49 3.74
CA VAL C 154 19.67 27.11 2.69
C VAL C 154 20.81 28.12 2.49
N TRP C 155 20.53 29.40 2.77
CA TRP C 155 21.53 30.48 2.66
C TRP C 155 22.78 30.32 3.54
N LYS C 156 22.66 29.58 4.64
CA LYS C 156 23.79 29.33 5.54
C LYS C 156 24.91 28.50 4.89
N ALA C 157 24.57 27.80 3.79
CA ALA C 157 25.56 27.12 2.97
C ALA C 157 26.49 28.12 2.27
N GLY C 158 27.69 27.65 1.94
CA GLY C 158 28.68 28.47 1.25
C GLY C 158 28.16 29.02 -0.06
N THR C 159 27.52 28.16 -0.85
CA THR C 159 26.91 28.54 -2.12
C THR C 159 25.51 27.90 -2.24
N VAL C 160 24.55 28.65 -2.78
CA VAL C 160 23.22 28.14 -3.05
C VAL C 160 22.94 28.23 -4.54
N LEU C 161 22.43 27.14 -5.11
CA LEU C 161 22.11 27.11 -6.53
C LEU C 161 20.66 26.69 -6.70
N PHE C 162 19.87 27.56 -7.31
CA PHE C 162 18.47 27.28 -7.56
C PHE C 162 18.32 26.77 -8.99
N ILE C 163 17.69 25.61 -9.16
CA ILE C 163 17.23 25.18 -10.49
C ILE C 163 15.74 25.44 -10.60
N LYS C 164 15.39 26.35 -11.50
CA LYS C 164 14.01 26.59 -11.90
C LYS C 164 14.03 27.24 -13.27
N ARG C 165 12.92 27.17 -13.99
CA ARG C 165 12.88 27.60 -15.39
C ARG C 165 13.04 29.11 -15.57
N SER C 166 12.40 29.88 -14.69
CA SER C 166 12.37 31.35 -14.81
C SER C 166 12.54 32.02 -13.45
N MET C 167 12.15 33.29 -13.36
CA MET C 167 12.13 34.03 -12.08
C MET C 167 10.72 34.05 -11.46
N ALA C 168 9.83 33.19 -11.96
CA ALA C 168 8.46 33.12 -11.46
C ALA C 168 8.39 32.67 -10.01
N SER C 169 7.30 33.05 -9.34
CA SER C 169 7.09 32.69 -7.95
C SER C 169 6.67 31.23 -7.82
N GLY C 170 6.38 30.82 -6.59
CA GLY C 170 5.85 29.49 -6.32
C GLY C 170 4.37 29.52 -5.98
N TYR C 171 3.94 28.53 -5.20
CA TYR C 171 2.53 28.38 -4.80
C TYR C 171 1.99 29.61 -4.07
N ALA C 172 2.82 30.20 -3.21
CA ALA C 172 2.42 31.38 -2.42
C ALA C 172 2.29 32.66 -3.26
N GLY C 173 2.92 32.67 -4.44
CA GLY C 173 2.81 33.81 -5.35
C GLY C 173 3.59 35.03 -4.91
N VAL C 174 4.71 34.81 -4.23
CA VAL C 174 5.55 35.89 -3.69
C VAL C 174 7.01 35.71 -4.10
N GLU C 175 7.77 36.79 -4.04
CA GLU C 175 9.18 36.76 -4.46
C GLU C 175 10.06 36.22 -3.35
N ASN C 176 11.24 35.72 -3.73
CA ASN C 176 12.20 35.12 -2.81
C ASN C 176 13.48 35.96 -2.77
N GLU C 177 13.79 36.49 -1.58
CA GLU C 177 14.97 37.34 -1.36
C GLU C 177 16.28 36.65 -1.73
N LEU C 178 16.31 35.32 -1.58
CA LEU C 178 17.53 34.54 -1.76
C LEU C 178 18.03 34.48 -3.20
N PHE C 179 17.17 34.74 -4.18
CA PHE C 179 17.58 34.76 -5.59
C PHE C 179 18.58 35.89 -5.89
N PHE C 180 18.53 36.96 -5.09
CA PHE C 180 19.41 38.13 -5.26
C PHE C 180 20.59 38.12 -4.29
N ARG C 181 20.62 37.15 -3.38
CA ARG C 181 21.67 37.08 -2.35
C ARG C 181 23.04 36.80 -2.97
N ASN C 182 24.08 37.29 -2.32
CA ASN C 182 25.46 37.20 -2.85
C ASN C 182 26.01 35.79 -3.04
N ASN C 183 25.58 34.85 -2.21
CA ASN C 183 26.04 33.45 -2.31
C ASN C 183 25.07 32.54 -3.10
N THR C 184 24.22 33.16 -3.92
CA THR C 184 23.24 32.43 -4.71
C THR C 184 23.56 32.51 -6.20
N MET C 185 23.51 31.34 -6.86
CA MET C 185 23.62 31.24 -8.31
C MET C 185 22.35 30.59 -8.88
N MET C 186 21.64 31.32 -9.72
CA MET C 186 20.44 30.78 -10.38
C MET C 186 20.86 29.94 -11.58
N LEU C 187 20.23 28.77 -11.74
CA LEU C 187 20.48 27.89 -12.88
C LEU C 187 19.17 27.70 -13.65
N PHE C 188 18.95 28.57 -14.64
CA PHE C 188 17.66 28.62 -15.33
C PHE C 188 17.48 27.50 -16.35
N GLY C 189 16.42 26.71 -16.15
CA GLY C 189 16.10 25.61 -17.03
C GLY C 189 15.16 24.63 -16.38
N ASP C 190 14.69 23.67 -17.18
CA ASP C 190 13.87 22.57 -16.71
C ASP C 190 14.70 21.73 -15.73
N ALA C 191 14.07 21.27 -14.65
CA ALA C 191 14.79 20.59 -13.56
C ALA C 191 15.43 19.28 -14.01
N LYS C 192 14.78 18.56 -14.92
CA LYS C 192 15.31 17.32 -15.46
C LYS C 192 16.41 17.61 -16.48
N LYS C 193 16.13 18.52 -17.41
CA LYS C 193 17.10 18.91 -18.45
C LYS C 193 18.40 19.44 -17.84
N MET C 194 18.28 20.41 -16.93
CA MET C 194 19.45 21.02 -16.28
C MET C 194 20.30 20.00 -15.51
N THR C 195 19.64 19.17 -14.70
CA THR C 195 20.34 18.18 -13.89
C THR C 195 21.05 17.12 -14.76
N GLU C 196 20.41 16.72 -15.86
CA GLU C 196 21.04 15.83 -16.84
C GLU C 196 22.33 16.42 -17.41
N GLN C 197 22.28 17.70 -17.75
CA GLN C 197 23.45 18.43 -18.26
C GLN C 197 24.58 18.55 -17.21
N ILE C 198 24.20 18.70 -15.94
CA ILE C 198 25.17 18.78 -14.84
C ILE C 198 25.92 17.45 -14.69
N VAL C 199 25.21 16.34 -14.87
CA VAL C 199 25.83 15.01 -14.85
C VAL C 199 26.80 14.85 -16.03
N GLN C 200 26.44 15.42 -17.19
CA GLN C 200 27.30 15.42 -18.38
C GLN C 200 28.51 16.34 -18.21
N ALA C 201 28.32 17.47 -17.53
CA ALA C 201 29.41 18.42 -17.26
C ALA C 201 30.38 17.90 -16.19
N MET C 202 29.91 16.97 -15.36
CA MET C 202 30.79 16.18 -14.49
C MET C 202 31.30 15.02 -15.33
N ASN C 203 32.42 14.43 -14.91
CA ASN C 203 33.07 13.36 -15.68
C ASN C 203 33.06 12.03 -14.94
PA NAD D . 11.20 -23.46 -1.93
O1A NAD D . 9.76 -23.12 -2.25
O2A NAD D . 11.61 -24.92 -1.82
O5B NAD D . 11.62 -22.72 -0.57
C5B NAD D . 11.79 -21.30 -0.50
C4B NAD D . 13.16 -20.93 0.06
O4B NAD D . 13.26 -21.37 1.42
C3B NAD D . 14.36 -21.57 -0.64
O3B NAD D . 15.13 -20.57 -1.27
C2B NAD D . 15.15 -22.27 0.45
O2B NAD D . 16.55 -22.17 0.30
C1B NAD D . 14.64 -21.57 1.70
N9A NAD D . 14.78 -22.30 2.97
C8A NAD D . 14.48 -23.60 3.23
N7A NAD D . 14.73 -23.94 4.54
C5A NAD D . 15.20 -22.83 5.15
C6A NAD D . 15.68 -22.38 6.48
N6A NAD D . 15.71 -23.24 7.53
N1A NAD D . 16.08 -21.10 6.63
C2A NAD D . 16.08 -20.18 5.65
N3A NAD D . 15.68 -20.47 4.40
C4A NAD D . 15.22 -21.81 4.13
O3 NAD D . 12.17 -22.77 -3.03
PN NAD D . 11.69 -22.31 -4.49
O1N NAD D . 10.68 -21.18 -4.37
O2N NAD D . 11.33 -23.51 -5.33
O5D NAD D . 13.04 -21.69 -5.06
C5D NAD D . 14.30 -22.32 -4.89
C4D NAD D . 15.30 -21.79 -5.92
O4D NAD D . 15.69 -22.85 -6.79
C3D NAD D . 14.76 -20.63 -6.77
O3D NAD D . 15.44 -19.41 -6.47
C2D NAD D . 14.99 -21.05 -8.21
O2D NAD D . 15.87 -20.16 -8.87
C1D NAD D . 15.58 -22.46 -8.16
N1N NAD D . 14.63 -23.25 -8.93
C2N NAD D . 13.27 -23.47 -8.39
C3N NAD D . 12.35 -24.13 -9.13
C7N NAD D . 10.99 -24.35 -8.65
O7N NAD D . 10.64 -25.49 -8.37
N7N NAD D . 10.14 -23.34 -8.54
C4N NAD D . 12.78 -24.63 -10.47
C5N NAD D . 14.17 -24.44 -11.00
C6N NAD D . 15.05 -23.80 -10.24
C1 GOL E . -1.56 -30.01 -3.82
O1 GOL E . -0.37 -30.70 -3.52
C2 GOL E . -2.69 -31.00 -4.07
O2 GOL E . -2.96 -31.71 -2.88
C3 GOL E . -3.95 -30.23 -4.50
O3 GOL E . -4.36 -30.53 -5.82
C1 GOL F . -15.84 9.49 10.45
O1 GOL F . -16.04 8.09 10.37
C2 GOL F . -14.45 9.80 11.00
O2 GOL F . -13.45 9.32 10.13
C3 GOL F . -14.30 11.31 11.19
O3 GOL F . -13.26 11.64 12.08
C1 GOL G . -16.59 13.70 13.74
O1 GOL G . -17.05 12.93 14.83
C2 GOL G . -17.65 13.75 12.64
O2 GOL G . -18.84 14.30 13.16
C3 GOL G . -17.14 14.63 11.49
O3 GOL G . -17.96 14.49 10.33
PA NAP H . 6.73 25.92 -4.88
O1A NAP H . 5.95 27.12 -4.39
O2A NAP H . 5.98 24.71 -5.32
O5B NAP H . 7.75 26.30 -6.06
C5B NAP H . 8.03 25.34 -7.06
C4B NAP H . 9.09 25.93 -7.98
O4B NAP H . 9.46 24.97 -8.98
C3B NAP H . 8.58 27.16 -8.71
O3B NAP H . 9.27 28.32 -8.26
C2B NAP H . 8.81 26.91 -10.18
O2B NAP H . 9.52 27.99 -10.78
C1B NAP H . 9.62 25.63 -10.23
N9A NAP H . 9.21 24.72 -11.35
C8A NAP H . 7.98 24.39 -11.81
N7A NAP H . 8.04 23.51 -12.87
C5A NAP H . 9.34 23.29 -13.11
C6A NAP H . 10.22 22.52 -14.03
N6A NAP H . 9.66 21.74 -14.99
N1A NAP H . 11.57 22.59 -13.90
C2A NAP H . 12.18 23.35 -12.96
N3A NAP H . 11.50 24.08 -12.08
C4A NAP H . 10.05 24.07 -12.13
O3 NAP H . 7.77 25.57 -3.73
PN NAP H . 7.96 24.17 -2.96
O1N NAP H . 9.35 24.27 -2.41
O2N NAP H . 7.63 22.99 -3.82
O5D NAP H . 6.87 24.34 -1.78
C5D NAP H . 5.55 23.85 -1.89
C4D NAP H . 4.52 24.92 -1.63
O4D NAP H . 3.22 24.38 -1.92
C3D NAP H . 4.47 25.40 -0.19
O3D NAP H . 4.21 26.79 -0.14
C2D NAP H . 3.32 24.64 0.43
O2D NAP H . 2.72 25.37 1.49
C1D NAP H . 2.40 24.47 -0.76
N1N NAP H . 1.55 23.29 -0.61
C2N NAP H . 2.10 21.98 -0.26
C3N NAP H . 1.29 21.00 0.19
C7N NAP H . 1.84 19.68 0.53
O7N NAP H . 1.11 18.87 1.06
N7N NAP H . 3.11 19.39 0.28
C4N NAP H . -0.20 21.23 0.34
C5N NAP H . -0.71 22.46 -0.39
C6N NAP H . 0.11 23.41 -0.83
P2B NAP H . 9.60 28.25 -12.37
O1X NAP H . 10.30 29.59 -12.49
O2X NAP H . 10.44 27.11 -12.86
O3X NAP H . 8.17 28.30 -12.80
#